data_2B7P
#
_entry.id   2B7P
#
_cell.length_a   149.593
_cell.length_b   149.593
_cell.length_c   146.246
_cell.angle_alpha   90.00
_cell.angle_beta   90.00
_cell.angle_gamma   90.00
#
_symmetry.space_group_name_H-M   'P 41 21 2'
#
loop_
_entity.id
_entity.type
_entity.pdbx_description
1 polymer 'Probable nicotinate-nucleotide pyrophosphorylase'
2 non-polymer 'SULFATE ION'
3 non-polymer 'PHTHALIC ACID'
4 water water
#
_entity_poly.entity_id   1
_entity_poly.type   'polypeptide(L)'
_entity_poly.pdbx_seq_one_letter_code
;MEIRTFLERALKEDLGHGDLFERVLEKDFKATAFVRAKQEGVFSGEKYALELLEMTGIECVQTIKDKERFKPKDALMEIR
GDFSMLLKVERTLLNLLQHSSGIATLTSRFVEALNSHKVRLLDTRKTRPLLRIFEKYSVLNGGASNHRLGLDDALMLKDT
HLRHVKDLKSFLTHARKNLPFTAKIEIECESFEEAKNAMNAGADIVMCDNLSVLETKEIAAYRDAHYPFVLLEASGNISL
ESINAYAKSGVDAISVGALIHQATFIDMHMKMA
;
_entity_poly.pdbx_strand_id   A,B,C
#
loop_
_chem_comp.id
_chem_comp.type
_chem_comp.name
_chem_comp.formula
PHT non-polymer 'PHTHALIC ACID' 'C8 H6 O4'
SO4 non-polymer 'SULFATE ION' 'O4 S -2'
#
# COMPACT_ATOMS: atom_id res chain seq x y z
N MET A 1 0.51 -3.71 -10.51
CA MET A 1 1.04 -3.01 -11.72
C MET A 1 1.92 -1.82 -11.36
N GLU A 2 2.81 -1.49 -12.30
CA GLU A 2 3.78 -0.41 -12.17
C GLU A 2 3.28 0.98 -11.77
N ILE A 3 2.08 1.37 -12.18
CA ILE A 3 1.57 2.70 -11.86
C ILE A 3 0.22 2.75 -11.17
N ARG A 4 -0.17 1.67 -10.52
CA ARG A 4 -1.46 1.63 -9.83
C ARG A 4 -1.40 2.48 -8.57
N THR A 5 -0.23 2.54 -7.95
CA THR A 5 -0.03 3.32 -6.73
C THR A 5 0.00 4.80 -7.04
N PHE A 6 0.59 5.14 -8.18
CA PHE A 6 0.67 6.52 -8.63
C PHE A 6 -0.75 7.06 -8.68
N LEU A 7 -1.62 6.35 -9.42
CA LEU A 7 -3.01 6.77 -9.58
C LEU A 7 -3.82 6.79 -8.29
N GLU A 8 -3.54 5.87 -7.36
CA GLU A 8 -4.26 5.88 -6.09
C GLU A 8 -3.99 7.17 -5.34
N ARG A 9 -2.72 7.56 -5.33
CA ARG A 9 -2.32 8.77 -4.63
C ARG A 9 -2.78 10.02 -5.35
N ALA A 10 -2.82 9.97 -6.67
CA ALA A 10 -3.28 11.13 -7.43
C ALA A 10 -4.69 11.38 -6.96
N LEU A 11 -5.47 10.32 -7.03
CA LEU A 11 -6.86 10.31 -6.65
C LEU A 11 -7.12 10.66 -5.18
N LYS A 12 -6.43 9.96 -4.30
CA LYS A 12 -6.58 10.16 -2.86
C LYS A 12 -6.52 11.63 -2.47
N GLU A 13 -5.62 12.33 -3.13
CA GLU A 13 -5.35 13.75 -2.90
C GLU A 13 -6.52 14.68 -3.19
N ASP A 14 -7.39 14.26 -4.09
CA ASP A 14 -8.53 15.06 -4.51
C ASP A 14 -9.79 14.88 -3.66
N LEU A 15 -10.11 13.67 -3.24
CA LEU A 15 -11.31 13.51 -2.45
C LEU A 15 -11.15 13.47 -0.93
N GLY A 16 -9.93 13.64 -0.45
CA GLY A 16 -9.65 13.67 0.99
C GLY A 16 -10.54 12.81 1.88
N HIS A 17 -11.28 13.44 2.79
CA HIS A 17 -12.15 12.70 3.70
C HIS A 17 -13.23 11.93 2.92
N GLY A 18 -13.64 12.47 1.77
CA GLY A 18 -14.65 11.83 0.96
C GLY A 18 -15.42 12.83 0.09
N ASP A 19 -15.70 12.46 -1.14
CA ASP A 19 -16.44 13.34 -2.04
C ASP A 19 -17.77 13.75 -1.43
N LEU A 20 -17.98 15.04 -1.28
CA LEU A 20 -19.23 15.54 -0.70
C LEU A 20 -20.44 15.27 -1.59
N PHE A 21 -20.28 15.41 -2.90
CA PHE A 21 -21.40 15.20 -3.80
C PHE A 21 -22.04 13.83 -3.70
N GLU A 22 -21.22 12.79 -3.56
CA GLU A 22 -21.75 11.44 -3.48
C GLU A 22 -22.67 11.27 -2.27
N ARG A 23 -22.58 12.21 -1.32
CA ARG A 23 -23.41 12.16 -0.13
C ARG A 23 -24.80 12.67 -0.48
N VAL A 24 -24.82 13.82 -1.14
CA VAL A 24 -26.05 14.49 -1.54
C VAL A 24 -26.79 13.93 -2.77
N LEU A 25 -26.05 13.28 -3.66
CA LEU A 25 -26.64 12.72 -4.86
C LEU A 25 -27.80 11.78 -4.54
N GLU A 26 -29.00 12.16 -5.01
CA GLU A 26 -30.22 11.37 -4.80
C GLU A 26 -30.11 9.89 -5.21
N LYS A 27 -29.92 9.65 -6.50
CA LYS A 27 -29.80 8.28 -7.01
C LYS A 27 -28.64 8.19 -7.98
N ASP A 28 -27.89 7.09 -7.91
CA ASP A 28 -26.75 6.94 -8.81
C ASP A 28 -27.20 6.19 -10.05
N PHE A 29 -26.39 6.22 -11.10
CA PHE A 29 -26.76 5.59 -12.36
C PHE A 29 -25.61 5.56 -13.36
N LYS A 30 -25.63 4.58 -14.26
CA LYS A 30 -24.61 4.47 -15.28
C LYS A 30 -24.80 5.58 -16.31
N ALA A 31 -23.73 6.31 -16.58
CA ALA A 31 -23.76 7.40 -17.54
C ALA A 31 -22.51 7.31 -18.41
N THR A 32 -22.57 7.89 -19.60
CA THR A 32 -21.46 7.88 -20.53
C THR A 32 -20.88 9.29 -20.61
N ALA A 33 -19.56 9.39 -20.74
CA ALA A 33 -18.91 10.68 -20.84
C ALA A 33 -17.80 10.66 -21.87
N PHE A 34 -17.47 11.83 -22.40
CA PHE A 34 -16.42 11.95 -23.38
C PHE A 34 -15.40 12.98 -22.96
N VAL A 35 -14.13 12.69 -23.24
CA VAL A 35 -13.06 13.62 -22.95
C VAL A 35 -12.83 14.30 -24.30
N ARG A 36 -13.09 15.60 -24.37
CA ARG A 36 -12.92 16.36 -25.61
C ARG A 36 -11.76 17.33 -25.55
N ALA A 37 -11.15 17.57 -26.71
CA ALA A 37 -10.03 18.50 -26.82
C ALA A 37 -10.54 19.92 -27.07
N LYS A 38 -9.77 20.91 -26.63
CA LYS A 38 -10.13 22.30 -26.84
C LYS A 38 -8.93 23.01 -27.46
N GLN A 39 -7.95 22.21 -27.88
CA GLN A 39 -6.71 22.67 -28.51
C GLN A 39 -6.25 21.56 -29.42
N GLU A 40 -5.18 21.81 -30.15
CA GLU A 40 -4.60 20.81 -31.02
C GLU A 40 -3.42 20.26 -30.25
N GLY A 41 -2.96 19.07 -30.64
CA GLY A 41 -1.81 18.50 -29.96
C GLY A 41 -1.65 17.01 -30.10
N VAL A 42 -0.67 16.48 -29.38
CA VAL A 42 -0.36 15.06 -29.37
C VAL A 42 -0.91 14.51 -28.07
N PHE A 43 -1.70 13.45 -28.18
CA PHE A 43 -2.33 12.83 -27.01
C PHE A 43 -1.38 11.94 -26.21
N SER A 44 -1.22 12.20 -24.91
CA SER A 44 -0.34 11.36 -24.08
C SER A 44 -0.97 11.08 -22.70
N GLY A 45 -0.75 9.88 -22.17
CA GLY A 45 -1.33 9.56 -20.88
C GLY A 45 -2.28 8.38 -20.92
N GLU A 46 -2.40 7.77 -22.11
CA GLU A 46 -3.28 6.63 -22.33
C GLU A 46 -3.06 5.51 -21.33
N LYS A 47 -1.80 5.15 -21.11
CA LYS A 47 -1.45 4.08 -20.17
C LYS A 47 -1.95 4.37 -18.75
N TYR A 48 -1.82 5.63 -18.34
CA TYR A 48 -2.25 6.05 -17.02
C TYR A 48 -3.77 6.19 -16.91
N ALA A 49 -4.40 6.58 -18.01
CA ALA A 49 -5.84 6.78 -18.06
C ALA A 49 -6.60 5.47 -17.97
N LEU A 50 -6.11 4.45 -18.67
CA LEU A 50 -6.78 3.15 -18.64
C LEU A 50 -6.67 2.49 -17.28
N GLU A 51 -5.55 2.72 -16.60
CA GLU A 51 -5.36 2.13 -15.27
C GLU A 51 -6.27 2.84 -14.27
N LEU A 52 -6.42 4.15 -14.42
CA LEU A 52 -7.28 4.90 -13.52
C LEU A 52 -8.72 4.43 -13.66
N LEU A 53 -9.18 4.32 -14.91
CA LEU A 53 -10.55 3.88 -15.20
C LEU A 53 -10.79 2.49 -14.65
N GLU A 54 -9.88 1.59 -14.99
CA GLU A 54 -9.91 0.21 -14.54
C GLU A 54 -10.05 0.24 -13.02
N MET A 55 -9.07 0.86 -12.39
CA MET A 55 -8.98 1.02 -10.97
C MET A 55 -10.31 1.44 -10.32
N THR A 56 -11.07 2.30 -11.00
CA THR A 56 -12.32 2.78 -10.43
C THR A 56 -13.60 2.17 -10.97
N GLY A 57 -13.48 1.10 -11.74
CA GLY A 57 -14.65 0.45 -12.29
C GLY A 57 -15.36 1.24 -13.37
N ILE A 58 -14.59 1.96 -14.17
CA ILE A 58 -15.15 2.74 -15.26
C ILE A 58 -14.74 2.06 -16.55
N GLU A 59 -15.68 1.83 -17.45
CA GLU A 59 -15.33 1.18 -18.70
C GLU A 59 -14.77 2.17 -19.70
N CYS A 60 -13.88 1.69 -20.54
CA CYS A 60 -13.29 2.52 -21.56
C CYS A 60 -13.77 1.99 -22.90
N VAL A 61 -14.84 2.61 -23.41
CA VAL A 61 -15.44 2.23 -24.68
C VAL A 61 -14.52 2.54 -25.86
N GLN A 62 -13.93 3.73 -25.86
CA GLN A 62 -13.04 4.16 -26.94
C GLN A 62 -11.98 5.13 -26.44
N THR A 63 -10.84 5.18 -27.14
CA THR A 63 -9.75 6.11 -26.81
C THR A 63 -8.82 6.23 -28.00
N ILE A 64 -8.21 7.40 -28.14
CA ILE A 64 -7.25 7.53 -29.21
C ILE A 64 -6.01 6.88 -28.61
N LYS A 65 -4.93 6.79 -29.38
CA LYS A 65 -3.70 6.17 -28.90
C LYS A 65 -2.64 7.19 -28.50
N ASP A 66 -1.76 6.78 -27.59
CA ASP A 66 -0.72 7.66 -27.07
C ASP A 66 0.06 8.60 -27.97
N LYS A 67 0.22 8.32 -29.25
CA LYS A 67 0.99 9.30 -30.03
C LYS A 67 0.17 10.00 -31.09
N GLU A 68 -1.15 9.82 -31.04
CA GLU A 68 -2.02 10.43 -32.04
C GLU A 68 -2.24 11.93 -31.90
N ARG A 69 -2.35 12.59 -33.05
CA ARG A 69 -2.56 14.02 -33.11
C ARG A 69 -4.08 14.31 -32.98
N PHE A 70 -4.45 15.51 -32.53
CA PHE A 70 -5.87 15.84 -32.41
C PHE A 70 -6.20 17.32 -32.55
N LYS A 71 -7.43 17.60 -32.99
CA LYS A 71 -7.91 18.97 -33.17
C LYS A 71 -8.99 19.25 -32.14
N PRO A 72 -9.31 20.45 -31.90
CA PRO A 72 -10.26 20.77 -30.83
C PRO A 72 -11.66 20.24 -31.21
N LYS A 73 -12.39 19.79 -30.20
CA LYS A 73 -13.75 19.26 -30.43
C LYS A 73 -13.67 17.77 -30.75
N ASP A 74 -12.41 17.26 -30.93
CA ASP A 74 -12.20 15.82 -31.09
C ASP A 74 -12.53 15.07 -29.81
N ALA A 75 -13.20 13.94 -29.93
CA ALA A 75 -13.51 13.13 -28.77
C ALA A 75 -12.22 12.31 -28.57
N LEU A 76 -11.69 12.30 -27.36
CA LEU A 76 -10.45 11.56 -27.12
C LEU A 76 -10.73 10.20 -26.52
N MET A 77 -11.70 10.15 -25.60
CA MET A 77 -12.07 8.90 -24.94
C MET A 77 -13.58 8.88 -24.69
N GLU A 78 -14.15 7.69 -24.74
CA GLU A 78 -15.55 7.51 -24.41
C GLU A 78 -15.50 6.56 -23.20
N ILE A 79 -15.95 7.04 -22.04
CA ILE A 79 -15.94 6.20 -20.85
C ILE A 79 -17.36 6.04 -20.32
N ARG A 80 -17.62 4.94 -19.62
CA ARG A 80 -18.94 4.68 -19.08
C ARG A 80 -18.83 4.04 -17.69
N GLY A 81 -19.66 4.50 -16.76
CA GLY A 81 -19.63 3.96 -15.41
C GLY A 81 -20.57 4.74 -14.49
N ASP A 82 -20.46 4.55 -13.18
CA ASP A 82 -21.34 5.29 -12.27
C ASP A 82 -21.16 6.80 -12.37
N PHE A 83 -22.28 7.52 -12.34
CA PHE A 83 -22.29 8.97 -12.43
C PHE A 83 -21.41 9.55 -11.32
N SER A 84 -21.61 9.06 -10.10
CA SER A 84 -20.86 9.53 -8.94
C SER A 84 -19.35 9.31 -9.11
N MET A 85 -18.96 8.17 -9.69
CA MET A 85 -17.57 7.87 -9.88
C MET A 85 -16.93 8.61 -11.05
N LEU A 86 -17.74 8.99 -12.05
CA LEU A 86 -17.20 9.73 -13.20
C LEU A 86 -16.80 11.11 -12.70
N LEU A 87 -17.61 11.64 -11.79
CA LEU A 87 -17.37 12.95 -11.21
C LEU A 87 -16.18 12.94 -10.27
N LYS A 88 -16.03 11.88 -9.48
CA LYS A 88 -14.92 11.79 -8.53
C LYS A 88 -13.56 11.64 -9.24
N VAL A 89 -13.61 11.09 -10.45
CA VAL A 89 -12.43 10.84 -11.27
C VAL A 89 -12.10 11.96 -12.26
N GLU A 90 -13.12 12.65 -12.72
CA GLU A 90 -12.99 13.71 -13.71
C GLU A 90 -11.71 14.54 -13.73
N ARG A 91 -11.49 15.34 -12.68
CA ARG A 91 -10.32 16.20 -12.60
C ARG A 91 -8.99 15.42 -12.61
N THR A 92 -8.94 14.28 -11.92
CA THR A 92 -7.71 13.47 -11.89
C THR A 92 -7.42 12.98 -13.31
N LEU A 93 -8.45 12.43 -13.95
CA LEU A 93 -8.35 11.91 -15.31
C LEU A 93 -7.92 13.02 -16.28
N LEU A 94 -8.47 14.21 -16.11
CA LEU A 94 -8.13 15.33 -16.98
C LEU A 94 -6.79 15.99 -16.69
N ASN A 95 -6.42 16.13 -15.42
CA ASN A 95 -5.11 16.71 -15.10
C ASN A 95 -4.02 15.82 -15.68
N LEU A 96 -4.28 14.52 -15.64
CA LEU A 96 -3.38 13.50 -16.17
C LEU A 96 -3.11 13.73 -17.65
N LEU A 97 -4.20 13.75 -18.40
CA LEU A 97 -4.16 13.90 -19.84
C LEU A 97 -3.67 15.26 -20.29
N GLN A 98 -4.16 16.29 -19.64
CA GLN A 98 -3.74 17.64 -19.99
C GLN A 98 -2.25 17.83 -19.73
N HIS A 99 -1.78 17.46 -18.54
CA HIS A 99 -0.36 17.63 -18.25
C HIS A 99 0.49 16.80 -19.21
N SER A 100 0.23 15.50 -19.25
CA SER A 100 0.98 14.59 -20.11
C SER A 100 0.97 14.95 -21.60
N SER A 101 -0.19 15.36 -22.14
CA SER A 101 -0.25 15.74 -23.55
C SER A 101 0.46 17.08 -23.77
N GLY A 102 0.55 17.88 -22.71
CA GLY A 102 1.21 19.18 -22.81
C GLY A 102 2.67 18.98 -23.10
N ILE A 103 3.26 17.99 -22.43
CA ILE A 103 4.65 17.65 -22.62
C ILE A 103 4.89 17.01 -24.00
N ALA A 104 4.03 16.07 -24.39
CA ALA A 104 4.18 15.42 -25.70
C ALA A 104 4.08 16.45 -26.82
N THR A 105 3.17 17.41 -26.66
CA THR A 105 2.95 18.45 -27.66
C THR A 105 4.14 19.41 -27.75
N LEU A 106 4.64 19.88 -26.61
CA LEU A 106 5.79 20.78 -26.65
C LEU A 106 6.98 20.00 -27.22
N THR A 107 7.07 18.73 -26.84
CA THR A 107 8.12 17.87 -27.34
C THR A 107 8.01 17.69 -28.86
N SER A 108 6.79 17.48 -29.34
CA SER A 108 6.57 17.28 -30.78
C SER A 108 7.06 18.48 -31.57
N ARG A 109 6.92 19.66 -30.99
CA ARG A 109 7.38 20.88 -31.63
C ARG A 109 8.89 20.82 -31.88
N PHE A 110 9.65 20.41 -30.85
CA PHE A 110 11.09 20.32 -30.97
C PHE A 110 11.52 19.27 -31.97
N VAL A 111 10.85 18.12 -31.94
CA VAL A 111 11.13 17.03 -32.85
C VAL A 111 11.00 17.55 -34.28
N GLU A 112 9.98 18.38 -34.47
CA GLU A 112 9.66 18.99 -35.73
C GLU A 112 10.78 19.91 -36.19
N ALA A 113 11.17 20.85 -35.33
CA ALA A 113 12.25 21.78 -35.65
C ALA A 113 13.56 21.06 -35.89
N LEU A 114 13.77 19.99 -35.13
CA LEU A 114 14.97 19.18 -35.22
C LEU A 114 15.12 18.64 -36.65
N ASN A 115 14.07 18.01 -37.14
CA ASN A 115 14.04 17.46 -38.50
C ASN A 115 15.29 16.63 -38.83
N SER A 116 15.33 15.41 -38.30
CA SER A 116 16.43 14.50 -38.52
C SER A 116 16.05 13.15 -37.96
N HIS A 117 16.50 12.09 -38.59
CA HIS A 117 16.18 10.78 -38.07
C HIS A 117 17.43 10.13 -37.49
N LYS A 118 18.58 10.72 -37.81
CA LYS A 118 19.85 10.22 -37.31
C LYS A 118 20.11 10.75 -35.89
N VAL A 119 19.63 11.97 -35.62
CA VAL A 119 19.82 12.60 -34.31
C VAL A 119 18.61 12.46 -33.40
N ARG A 120 18.87 12.17 -32.12
CA ARG A 120 17.85 11.98 -31.11
C ARG A 120 17.67 13.16 -30.18
N LEU A 121 16.41 13.44 -29.81
CA LEU A 121 16.09 14.53 -28.89
C LEU A 121 15.92 13.89 -27.52
N LEU A 122 16.69 14.35 -26.55
CA LEU A 122 16.59 13.79 -25.21
C LEU A 122 16.05 14.75 -24.17
N ASP A 123 15.53 14.20 -23.08
CA ASP A 123 15.04 15.02 -21.99
C ASP A 123 16.17 15.08 -20.96
N THR A 124 15.80 15.28 -19.71
CA THR A 124 16.78 15.45 -18.65
C THR A 124 16.24 14.91 -17.32
N ARG A 125 16.94 15.15 -16.22
CA ARG A 125 16.47 14.74 -14.90
C ARG A 125 15.76 15.92 -14.24
N LYS A 126 15.47 16.94 -15.03
CA LYS A 126 14.75 18.10 -14.52
C LYS A 126 13.27 17.81 -14.70
N THR A 127 12.67 17.16 -13.71
CA THR A 127 11.26 16.84 -13.77
C THR A 127 10.61 17.31 -12.50
N ARG A 128 9.28 17.33 -12.48
CA ARG A 128 8.57 17.78 -11.31
C ARG A 128 8.53 16.68 -10.24
N PRO A 129 8.56 17.07 -8.96
CA PRO A 129 8.53 16.04 -7.91
C PRO A 129 7.45 14.98 -8.09
N LEU A 130 7.87 13.73 -7.92
CA LEU A 130 7.01 12.56 -8.04
C LEU A 130 6.52 12.25 -9.45
N LEU A 131 7.00 12.98 -10.45
CA LEU A 131 6.53 12.70 -11.81
C LEU A 131 7.65 12.29 -12.77
N ARG A 132 8.82 11.98 -12.25
CA ARG A 132 9.93 11.58 -13.09
C ARG A 132 9.50 10.59 -14.16
N ILE A 133 8.97 9.44 -13.74
CA ILE A 133 8.56 8.43 -14.68
C ILE A 133 7.36 8.85 -15.54
N PHE A 134 6.44 9.59 -14.94
CA PHE A 134 5.27 10.04 -15.65
C PHE A 134 5.65 10.96 -16.80
N GLU A 135 6.49 11.94 -16.50
CA GLU A 135 6.91 12.91 -17.52
C GLU A 135 7.86 12.34 -18.58
N LYS A 136 8.71 11.40 -18.17
CA LYS A 136 9.62 10.76 -19.10
C LYS A 136 8.81 10.00 -20.14
N TYR A 137 7.73 9.41 -19.68
CA TYR A 137 6.81 8.64 -20.52
C TYR A 137 6.14 9.61 -21.49
N SER A 138 5.84 10.81 -21.01
CA SER A 138 5.22 11.83 -21.84
C SER A 138 6.13 12.23 -22.99
N VAL A 139 7.39 12.50 -22.69
CA VAL A 139 8.36 12.91 -23.69
C VAL A 139 8.42 11.91 -24.84
N LEU A 140 8.33 10.63 -24.50
CA LEU A 140 8.35 9.56 -25.51
C LEU A 140 7.17 9.73 -26.44
N ASN A 141 5.97 9.89 -25.89
CA ASN A 141 4.78 10.03 -26.72
C ASN A 141 4.80 11.26 -27.63
N GLY A 142 5.77 12.14 -27.41
CA GLY A 142 5.91 13.33 -28.22
C GLY A 142 6.78 13.03 -29.43
N GLY A 143 7.46 11.89 -29.38
CA GLY A 143 8.31 11.48 -30.48
C GLY A 143 9.81 11.57 -30.25
N ALA A 144 10.22 11.83 -29.01
CA ALA A 144 11.65 11.95 -28.72
C ALA A 144 12.13 10.77 -27.89
N SER A 145 13.33 10.90 -27.35
CA SER A 145 13.91 9.84 -26.54
C SER A 145 14.20 10.31 -25.13
N ASN A 146 14.37 9.32 -24.24
CA ASN A 146 14.65 9.57 -22.84
C ASN A 146 16.15 9.50 -22.56
N HIS A 147 16.58 10.26 -21.57
CA HIS A 147 17.97 10.21 -21.15
C HIS A 147 17.82 9.22 -19.99
N ARG A 148 18.88 8.99 -19.22
CA ARG A 148 18.77 8.05 -18.12
C ARG A 148 17.56 8.44 -17.26
N LEU A 149 17.02 7.50 -16.50
CA LEU A 149 15.87 7.79 -15.66
C LEU A 149 16.24 8.22 -14.25
N GLY A 150 17.50 8.02 -13.87
CA GLY A 150 17.91 8.39 -12.54
C GLY A 150 19.40 8.28 -12.34
N LEU A 151 19.81 8.40 -11.07
CA LEU A 151 21.20 8.33 -10.64
C LEU A 151 21.70 6.90 -10.48
N ASP A 152 20.82 5.94 -10.66
CA ASP A 152 21.21 4.55 -10.51
C ASP A 152 21.36 3.96 -11.90
N ASP A 153 20.75 4.66 -12.84
CA ASP A 153 20.71 4.33 -14.26
C ASP A 153 22.08 4.39 -14.98
N ALA A 154 22.89 5.39 -14.66
CA ALA A 154 24.18 5.58 -15.28
C ALA A 154 24.96 6.62 -14.50
N LEU A 155 26.27 6.68 -14.75
CA LEU A 155 27.12 7.63 -14.06
C LEU A 155 27.34 8.85 -14.94
N MET A 156 27.13 10.04 -14.40
CA MET A 156 27.33 11.26 -15.15
C MET A 156 28.22 12.16 -14.31
N LEU A 157 29.42 12.43 -14.81
CA LEU A 157 30.32 13.28 -14.07
C LEU A 157 30.39 14.67 -14.70
N LYS A 158 30.28 15.70 -13.89
CA LYS A 158 30.37 17.09 -14.37
C LYS A 158 31.37 17.86 -13.50
N ASP A 159 31.60 19.12 -13.81
CA ASP A 159 32.53 19.96 -13.07
C ASP A 159 32.56 19.70 -11.57
N THR A 160 31.38 19.60 -10.96
CA THR A 160 31.28 19.36 -9.53
C THR A 160 32.05 18.12 -9.10
N HIS A 161 31.83 17.01 -9.79
CA HIS A 161 32.51 15.77 -9.48
C HIS A 161 33.97 15.83 -9.92
N LEU A 162 34.22 16.32 -11.13
CA LEU A 162 35.58 16.39 -11.66
C LEU A 162 36.57 17.22 -10.85
N ARG A 163 36.11 18.33 -10.27
CA ARG A 163 37.00 19.18 -9.49
C ARG A 163 37.76 18.40 -8.43
N HIS A 164 37.27 17.21 -8.10
CA HIS A 164 37.91 16.38 -7.09
C HIS A 164 38.51 15.08 -7.64
N VAL A 165 38.74 15.02 -8.94
CA VAL A 165 39.33 13.83 -9.53
C VAL A 165 40.70 14.23 -10.08
N LYS A 166 41.74 13.79 -9.39
CA LYS A 166 43.13 14.08 -9.75
C LYS A 166 43.46 13.62 -11.18
N ASP A 167 43.31 12.31 -11.42
CA ASP A 167 43.59 11.68 -12.71
C ASP A 167 42.31 11.01 -13.25
N LEU A 168 41.65 11.65 -14.22
CA LEU A 168 40.40 11.13 -14.78
C LEU A 168 40.50 9.74 -15.41
N LYS A 169 41.51 9.52 -16.24
CA LYS A 169 41.68 8.23 -16.90
C LYS A 169 41.84 7.11 -15.89
N SER A 170 42.55 7.42 -14.82
CA SER A 170 42.78 6.47 -13.74
C SER A 170 41.46 6.21 -13.03
N PHE A 171 40.77 7.29 -12.66
CA PHE A 171 39.50 7.17 -11.97
C PHE A 171 38.50 6.28 -12.72
N LEU A 172 38.29 6.57 -14.00
CA LEU A 172 37.35 5.80 -14.80
C LEU A 172 37.74 4.33 -14.93
N THR A 173 39.01 4.09 -15.20
CA THR A 173 39.52 2.74 -15.37
C THR A 173 39.25 1.89 -14.13
N HIS A 174 39.46 2.47 -12.96
CA HIS A 174 39.27 1.76 -11.71
C HIS A 174 37.87 1.87 -11.11
N ALA A 175 37.01 2.69 -11.71
CA ALA A 175 35.65 2.84 -11.20
C ALA A 175 34.78 1.71 -11.74
N ARG A 176 35.09 1.26 -12.96
CA ARG A 176 34.33 0.21 -13.62
C ARG A 176 33.96 -0.99 -12.75
N LYS A 177 34.87 -1.39 -11.84
CA LYS A 177 34.57 -2.55 -11.02
C LYS A 177 33.63 -2.27 -9.84
N ASN A 178 33.47 -1.01 -9.47
CA ASN A 178 32.58 -0.68 -8.37
C ASN A 178 31.22 -0.21 -8.87
N LEU A 179 31.06 -0.28 -10.18
CA LEU A 179 29.82 0.12 -10.83
C LEU A 179 29.26 -1.14 -11.44
N PRO A 180 27.94 -1.21 -11.62
CA PRO A 180 27.45 -2.43 -12.24
C PRO A 180 28.10 -2.61 -13.61
N PHE A 181 28.27 -3.87 -14.00
CA PHE A 181 28.91 -4.24 -15.26
C PHE A 181 28.37 -3.56 -16.51
N THR A 182 27.09 -3.16 -16.47
CA THR A 182 26.45 -2.55 -17.63
C THR A 182 26.39 -1.03 -17.69
N ALA A 183 26.82 -0.35 -16.63
CA ALA A 183 26.75 1.10 -16.60
C ALA A 183 27.70 1.79 -17.56
N LYS A 184 27.26 2.93 -18.07
CA LYS A 184 28.06 3.77 -18.96
C LYS A 184 28.40 5.00 -18.15
N ILE A 185 29.56 5.58 -18.44
CA ILE A 185 29.99 6.79 -17.73
C ILE A 185 30.00 7.90 -18.76
N GLU A 186 29.43 9.05 -18.39
CA GLU A 186 29.36 10.21 -19.27
C GLU A 186 30.03 11.39 -18.60
N ILE A 187 30.87 12.11 -19.35
CA ILE A 187 31.55 13.27 -18.80
C ILE A 187 31.07 14.55 -19.50
N GLU A 188 30.65 15.53 -18.69
CA GLU A 188 30.19 16.80 -19.23
C GLU A 188 31.41 17.67 -19.51
N CYS A 189 31.48 18.23 -20.71
CA CYS A 189 32.63 19.04 -21.09
C CYS A 189 32.25 20.45 -21.54
N GLU A 190 33.15 21.41 -21.31
CA GLU A 190 32.89 22.79 -21.68
C GLU A 190 33.97 23.36 -22.61
N SER A 191 34.64 22.49 -23.36
CA SER A 191 35.68 22.89 -24.28
C SER A 191 36.04 21.68 -25.13
N PHE A 192 36.82 21.90 -26.18
CA PHE A 192 37.25 20.83 -27.07
C PHE A 192 38.28 20.00 -26.35
N GLU A 193 39.15 20.67 -25.59
CA GLU A 193 40.20 19.98 -24.85
C GLU A 193 39.54 18.99 -23.91
N GLU A 194 38.66 19.48 -23.05
CA GLU A 194 37.98 18.63 -22.11
C GLU A 194 37.39 17.39 -22.77
N ALA A 195 36.69 17.59 -23.88
CA ALA A 195 36.09 16.48 -24.61
C ALA A 195 37.13 15.48 -25.08
N LYS A 196 38.26 16.00 -25.55
CA LYS A 196 39.35 15.17 -26.04
C LYS A 196 39.93 14.31 -24.90
N ASN A 197 40.15 14.94 -23.75
CA ASN A 197 40.68 14.23 -22.59
C ASN A 197 39.67 13.22 -22.06
N ALA A 198 38.38 13.55 -22.17
CA ALA A 198 37.35 12.65 -21.70
C ALA A 198 37.36 11.35 -22.51
N MET A 199 37.38 11.46 -23.84
CA MET A 199 37.37 10.29 -24.70
C MET A 199 38.58 9.43 -24.39
N ASN A 200 39.72 10.08 -24.21
CA ASN A 200 40.95 9.36 -23.92
C ASN A 200 40.96 8.81 -22.49
N ALA A 201 40.16 9.42 -21.62
CA ALA A 201 40.08 8.99 -20.24
C ALA A 201 39.27 7.69 -20.12
N GLY A 202 38.40 7.43 -21.09
CA GLY A 202 37.59 6.22 -21.08
C GLY A 202 36.08 6.38 -21.07
N ALA A 203 35.59 7.60 -21.21
CA ALA A 203 34.15 7.85 -21.20
C ALA A 203 33.43 7.13 -22.33
N ASP A 204 32.18 6.77 -22.07
CA ASP A 204 31.33 6.11 -23.05
C ASP A 204 30.51 7.18 -23.77
N ILE A 205 30.37 8.33 -23.11
CA ILE A 205 29.61 9.46 -23.61
C ILE A 205 30.20 10.79 -23.16
N VAL A 206 30.23 11.77 -24.05
CA VAL A 206 30.73 13.10 -23.74
C VAL A 206 29.63 14.12 -24.02
N MET A 207 29.39 15.02 -23.07
CA MET A 207 28.38 16.03 -23.27
C MET A 207 29.03 17.36 -23.60
N CYS A 208 28.75 17.86 -24.80
CA CYS A 208 29.25 19.15 -25.25
C CYS A 208 28.28 20.14 -24.65
N ASP A 209 28.63 20.63 -23.47
CA ASP A 209 27.81 21.56 -22.72
C ASP A 209 28.10 23.03 -23.05
N ASN A 210 27.07 23.77 -23.44
CA ASN A 210 27.20 25.18 -23.77
C ASN A 210 28.36 25.49 -24.73
N LEU A 211 28.32 24.89 -25.91
CA LEU A 211 29.35 25.11 -26.93
C LEU A 211 28.69 25.52 -28.25
N SER A 212 29.33 26.43 -28.97
CA SER A 212 28.79 26.88 -30.26
C SER A 212 28.67 25.67 -31.17
N VAL A 213 28.01 25.84 -32.30
CA VAL A 213 27.84 24.74 -33.25
C VAL A 213 29.21 24.38 -33.82
N LEU A 214 30.04 25.39 -34.03
CA LEU A 214 31.39 25.20 -34.55
C LEU A 214 32.17 24.32 -33.58
N GLU A 215 32.23 24.73 -32.32
CA GLU A 215 32.92 23.96 -31.28
C GLU A 215 32.49 22.50 -31.35
N THR A 216 31.19 22.30 -31.14
CA THR A 216 30.58 20.98 -31.19
C THR A 216 31.05 20.22 -32.42
N LYS A 217 30.89 20.84 -33.59
CA LYS A 217 31.29 20.24 -34.86
C LYS A 217 32.74 19.72 -34.81
N GLU A 218 33.65 20.50 -34.23
CA GLU A 218 35.05 20.10 -34.12
C GLU A 218 35.18 18.81 -33.32
N ILE A 219 34.48 18.79 -32.18
CA ILE A 219 34.48 17.66 -31.27
C ILE A 219 33.87 16.44 -31.97
N ALA A 220 32.77 16.66 -32.68
CA ALA A 220 32.08 15.59 -33.38
C ALA A 220 33.01 14.92 -34.39
N ALA A 221 33.76 15.74 -35.12
CA ALA A 221 34.70 15.24 -36.12
C ALA A 221 35.81 14.44 -35.48
N TYR A 222 36.39 14.99 -34.42
CA TYR A 222 37.47 14.31 -33.71
C TYR A 222 37.04 12.93 -33.25
N ARG A 223 35.81 12.84 -32.75
CA ARG A 223 35.25 11.57 -32.28
C ARG A 223 35.18 10.60 -33.46
N ASP A 224 34.79 11.12 -34.62
CA ASP A 224 34.68 10.29 -35.81
C ASP A 224 36.05 9.75 -36.22
N ALA A 225 37.08 10.60 -36.11
CA ALA A 225 38.45 10.21 -36.47
C ALA A 225 38.98 9.17 -35.49
N HIS A 226 38.92 9.48 -34.19
CA HIS A 226 39.35 8.57 -33.14
C HIS A 226 38.17 8.44 -32.18
N TYR A 227 37.98 7.27 -31.57
CA TYR A 227 36.87 7.06 -30.63
C TYR A 227 35.52 7.05 -31.35
N PRO A 228 35.40 6.34 -32.47
CA PRO A 228 34.11 6.31 -33.17
C PRO A 228 32.97 5.67 -32.39
N PHE A 229 33.26 4.99 -31.28
CA PHE A 229 32.19 4.36 -30.50
C PHE A 229 31.74 5.16 -29.30
N VAL A 230 32.37 6.32 -29.10
CA VAL A 230 32.00 7.19 -27.99
C VAL A 230 30.79 7.99 -28.47
N LEU A 231 29.79 8.14 -27.60
CA LEU A 231 28.60 8.88 -27.99
C LEU A 231 28.69 10.37 -27.62
N LEU A 232 28.14 11.21 -28.51
CA LEU A 232 28.17 12.65 -28.30
C LEU A 232 26.77 13.21 -28.12
N GLU A 233 26.64 14.09 -27.14
CA GLU A 233 25.39 14.75 -26.83
C GLU A 233 25.62 16.25 -26.74
N ALA A 234 24.75 17.02 -27.40
CA ALA A 234 24.86 18.47 -27.33
C ALA A 234 23.82 18.88 -26.31
N SER A 235 24.20 19.79 -25.42
CA SER A 235 23.27 20.25 -24.40
C SER A 235 23.53 21.71 -24.04
N GLY A 236 22.54 22.32 -23.40
CA GLY A 236 22.63 23.71 -23.04
C GLY A 236 21.27 24.31 -23.30
N ASN A 237 21.20 25.63 -23.33
CA ASN A 237 19.93 26.30 -23.57
C ASN A 237 19.51 26.31 -25.03
N ILE A 238 19.41 25.11 -25.60
CA ILE A 238 19.02 24.95 -26.99
C ILE A 238 17.55 25.30 -27.16
N SER A 239 17.28 26.24 -28.06
CA SER A 239 15.91 26.71 -28.32
C SER A 239 15.35 26.12 -29.61
N LEU A 240 14.05 26.29 -29.81
CA LEU A 240 13.40 25.80 -31.02
C LEU A 240 14.12 26.42 -32.23
N GLU A 241 14.55 27.66 -32.06
CA GLU A 241 15.23 28.38 -33.12
C GLU A 241 16.69 27.94 -33.25
N SER A 242 17.13 27.11 -32.33
CA SER A 242 18.52 26.67 -32.32
C SER A 242 18.79 25.19 -32.63
N ILE A 243 17.79 24.34 -32.40
CA ILE A 243 17.94 22.89 -32.60
C ILE A 243 18.39 22.41 -33.96
N ASN A 244 17.79 22.89 -35.04
CA ASN A 244 18.19 22.38 -36.34
C ASN A 244 19.67 22.56 -36.64
N ALA A 245 20.24 23.67 -36.20
CA ALA A 245 21.65 23.96 -36.41
C ALA A 245 22.51 22.94 -35.69
N TYR A 246 22.10 22.57 -34.49
CA TYR A 246 22.86 21.58 -33.72
C TYR A 246 22.76 20.16 -34.28
N ALA A 247 21.61 19.84 -34.86
CA ALA A 247 21.42 18.51 -35.43
C ALA A 247 22.40 18.26 -36.58
N LYS A 248 22.98 19.32 -37.11
CA LYS A 248 23.92 19.19 -38.22
C LYS A 248 25.39 19.16 -37.80
N SER A 249 25.65 19.26 -36.49
CA SER A 249 27.02 19.27 -36.00
C SER A 249 27.68 17.89 -35.94
N GLY A 250 26.87 16.83 -35.88
CA GLY A 250 27.43 15.49 -35.82
C GLY A 250 27.20 14.76 -34.51
N VAL A 251 26.65 15.44 -33.51
CA VAL A 251 26.38 14.82 -32.21
C VAL A 251 25.30 13.77 -32.44
N ASP A 252 25.25 12.76 -31.57
CA ASP A 252 24.24 11.71 -31.70
C ASP A 252 22.91 12.17 -31.14
N ALA A 253 22.97 13.03 -30.13
CA ALA A 253 21.76 13.49 -29.50
C ALA A 253 21.84 14.92 -28.99
N ILE A 254 20.65 15.48 -28.75
CA ILE A 254 20.52 16.82 -28.24
C ILE A 254 19.51 16.73 -27.12
N SER A 255 19.86 17.29 -25.98
CA SER A 255 18.96 17.25 -24.85
C SER A 255 18.54 18.66 -24.48
N VAL A 256 17.24 18.81 -24.21
CA VAL A 256 16.68 20.08 -23.80
C VAL A 256 15.67 19.79 -22.69
N GLY A 257 16.02 20.21 -21.48
CA GLY A 257 15.16 19.99 -20.33
C GLY A 257 13.84 20.70 -20.46
N ALA A 258 13.83 21.77 -21.25
CA ALA A 258 12.62 22.55 -21.44
C ALA A 258 11.46 21.69 -21.95
N LEU A 259 11.76 20.57 -22.60
CA LEU A 259 10.72 19.69 -23.11
C LEU A 259 9.73 19.36 -22.00
N ILE A 260 10.23 19.21 -20.77
CA ILE A 260 9.36 18.91 -19.65
C ILE A 260 9.09 20.13 -18.77
N HIS A 261 10.13 20.84 -18.36
CA HIS A 261 9.95 21.98 -17.46
C HIS A 261 9.38 23.28 -18.04
N GLN A 262 9.19 23.32 -19.36
CA GLN A 262 8.61 24.51 -19.98
C GLN A 262 7.29 24.16 -20.65
N ALA A 263 6.83 22.93 -20.44
CA ALA A 263 5.55 22.47 -21.00
C ALA A 263 4.42 22.89 -20.07
N THR A 264 3.25 23.12 -20.66
CA THR A 264 2.09 23.52 -19.90
C THR A 264 0.93 22.63 -20.31
N PHE A 265 -0.19 22.80 -19.61
CA PHE A 265 -1.40 22.04 -19.86
C PHE A 265 -2.05 22.36 -21.20
N ILE A 266 -2.67 21.35 -21.80
CA ILE A 266 -3.41 21.54 -23.05
C ILE A 266 -4.86 21.56 -22.57
N ASP A 267 -5.71 22.31 -23.24
CA ASP A 267 -7.11 22.43 -22.83
C ASP A 267 -7.98 21.25 -23.27
N MET A 268 -8.58 20.58 -22.30
CA MET A 268 -9.46 19.43 -22.55
C MET A 268 -10.59 19.57 -21.55
N HIS A 269 -11.61 18.74 -21.67
CA HIS A 269 -12.72 18.76 -20.72
C HIS A 269 -13.58 17.53 -20.90
N MET A 270 -14.43 17.26 -19.92
CA MET A 270 -15.29 16.08 -19.95
C MET A 270 -16.76 16.50 -20.14
N LYS A 271 -17.38 15.94 -21.16
CA LYS A 271 -18.78 16.21 -21.45
C LYS A 271 -19.59 14.99 -21.12
N MET A 272 -20.56 15.16 -20.24
CA MET A 272 -21.40 14.07 -19.80
C MET A 272 -22.34 13.64 -20.91
N ALA A 273 -22.27 14.32 -22.05
CA ALA A 273 -23.12 14.05 -23.21
C ALA A 273 -23.74 12.64 -23.23
N MET B 1 -4.87 -9.67 -0.14
CA MET B 1 -4.39 -10.98 0.40
C MET B 1 -3.20 -10.77 1.33
N GLU B 2 -2.89 -11.81 2.11
CA GLU B 2 -1.78 -11.77 3.05
C GLU B 2 -0.43 -11.58 2.38
N ILE B 3 -0.13 -12.43 1.41
CA ILE B 3 1.14 -12.36 0.70
C ILE B 3 1.12 -11.50 -0.57
N ARG B 4 0.06 -10.73 -0.75
CA ARG B 4 -0.07 -9.84 -1.91
C ARG B 4 1.05 -8.81 -1.97
N THR B 5 1.22 -8.09 -0.86
CA THR B 5 2.25 -7.05 -0.74
C THR B 5 3.65 -7.61 -0.92
N PHE B 6 3.88 -8.76 -0.31
CA PHE B 6 5.16 -9.43 -0.39
C PHE B 6 5.54 -9.55 -1.87
N LEU B 7 4.63 -10.10 -2.66
CA LEU B 7 4.84 -10.28 -4.08
C LEU B 7 5.00 -8.96 -4.82
N GLU B 8 4.32 -7.92 -4.38
CA GLU B 8 4.51 -6.64 -5.06
C GLU B 8 5.94 -6.18 -4.86
N ARG B 9 6.42 -6.23 -3.61
CA ARG B 9 7.77 -5.81 -3.27
C ARG B 9 8.83 -6.55 -4.07
N ALA B 10 8.70 -7.86 -4.20
CA ALA B 10 9.66 -8.66 -4.94
C ALA B 10 9.78 -8.20 -6.38
N LEU B 11 8.64 -7.92 -7.00
CA LEU B 11 8.59 -7.47 -8.37
C LEU B 11 9.19 -6.07 -8.55
N LYS B 12 8.72 -5.11 -7.76
CA LYS B 12 9.21 -3.74 -7.85
C LYS B 12 10.74 -3.69 -7.87
N GLU B 13 11.35 -4.39 -6.94
CA GLU B 13 12.78 -4.42 -6.83
C GLU B 13 13.41 -4.78 -8.16
N ASP B 14 12.72 -5.59 -8.94
CA ASP B 14 13.26 -6.03 -10.21
C ASP B 14 13.03 -5.12 -11.40
N LEU B 15 11.85 -4.54 -11.58
CA LEU B 15 11.71 -3.67 -12.75
C LEU B 15 12.00 -2.20 -12.49
N GLY B 16 12.20 -1.85 -11.22
CA GLY B 16 12.52 -0.47 -10.87
C GLY B 16 11.77 0.58 -11.62
N HIS B 17 12.48 1.40 -12.40
CA HIS B 17 11.88 2.47 -13.21
C HIS B 17 10.95 1.91 -14.28
N GLY B 18 11.16 0.65 -14.65
CA GLY B 18 10.34 0.01 -15.67
C GLY B 18 11.19 -0.92 -16.53
N ASP B 19 10.61 -2.04 -16.95
CA ASP B 19 11.31 -2.99 -17.80
C ASP B 19 11.65 -2.33 -19.14
N LEU B 20 12.91 -2.46 -19.56
CA LEU B 20 13.36 -1.87 -20.81
C LEU B 20 12.91 -2.59 -22.08
N PHE B 21 12.91 -3.91 -22.05
CA PHE B 21 12.52 -4.69 -23.23
C PHE B 21 11.15 -4.27 -23.73
N GLU B 22 10.25 -4.15 -22.77
CA GLU B 22 8.88 -3.72 -22.98
C GLU B 22 8.86 -2.48 -23.88
N ARG B 23 9.92 -1.67 -23.81
CA ARG B 23 10.02 -0.44 -24.61
C ARG B 23 10.33 -0.73 -26.06
N VAL B 24 11.06 -1.82 -26.30
CA VAL B 24 11.47 -2.14 -27.65
C VAL B 24 10.77 -3.32 -28.29
N LEU B 25 9.99 -4.06 -27.53
CA LEU B 25 9.26 -5.17 -28.11
C LEU B 25 8.22 -4.54 -29.04
N GLU B 26 8.41 -4.71 -30.35
CA GLU B 26 7.52 -4.13 -31.34
C GLU B 26 6.07 -4.60 -31.29
N LYS B 27 5.86 -5.89 -31.09
CA LYS B 27 4.49 -6.44 -31.04
C LYS B 27 4.31 -7.50 -29.95
N ASP B 28 3.48 -7.19 -28.95
CA ASP B 28 3.25 -8.11 -27.85
C ASP B 28 2.24 -9.19 -28.22
N PHE B 29 2.26 -10.32 -27.52
CA PHE B 29 1.38 -11.42 -27.86
C PHE B 29 1.28 -12.45 -26.75
N LYS B 30 0.24 -13.28 -26.79
CA LYS B 30 0.07 -14.33 -25.79
C LYS B 30 1.00 -15.47 -26.16
N ALA B 31 1.53 -16.12 -25.14
CA ALA B 31 2.47 -17.21 -25.34
C ALA B 31 2.39 -18.08 -24.11
N THR B 32 2.97 -19.28 -24.21
CA THR B 32 2.97 -20.24 -23.12
C THR B 32 4.40 -20.53 -22.70
N ALA B 33 4.63 -20.68 -21.39
CA ALA B 33 5.97 -20.98 -20.91
C ALA B 33 5.90 -22.06 -19.87
N PHE B 34 6.99 -22.80 -19.74
CA PHE B 34 7.08 -23.88 -18.78
C PHE B 34 8.20 -23.65 -17.76
N VAL B 35 7.93 -24.02 -16.52
CA VAL B 35 8.94 -23.91 -15.48
C VAL B 35 9.43 -25.33 -15.31
N ARG B 36 10.64 -25.59 -15.80
CA ARG B 36 11.21 -26.93 -15.73
C ARG B 36 12.32 -27.09 -14.69
N ALA B 37 12.45 -28.31 -14.17
CA ALA B 37 13.47 -28.61 -13.17
C ALA B 37 14.77 -29.02 -13.82
N LYS B 38 15.87 -28.87 -13.09
CA LYS B 38 17.19 -29.24 -13.57
C LYS B 38 17.86 -30.05 -12.47
N GLN B 39 17.11 -30.27 -11.39
CA GLN B 39 17.55 -31.04 -10.24
C GLN B 39 16.36 -31.76 -9.64
N GLU B 40 16.64 -32.76 -8.81
CA GLU B 40 15.57 -33.47 -8.16
C GLU B 40 15.30 -32.64 -6.91
N GLY B 41 14.11 -32.74 -6.35
CA GLY B 41 13.80 -31.98 -5.14
C GLY B 41 12.34 -31.97 -4.77
N VAL B 42 12.01 -31.25 -3.71
CA VAL B 42 10.63 -31.13 -3.25
C VAL B 42 10.16 -29.74 -3.65
N PHE B 43 8.98 -29.67 -4.26
CA PHE B 43 8.42 -28.41 -4.74
C PHE B 43 7.77 -27.56 -3.66
N SER B 44 8.09 -26.26 -3.65
CA SER B 44 7.52 -25.33 -2.69
C SER B 44 7.43 -23.91 -3.24
N GLY B 45 6.36 -23.19 -2.89
CA GLY B 45 6.21 -21.83 -3.38
C GLY B 45 4.95 -21.64 -4.20
N GLU B 46 4.18 -22.71 -4.33
CA GLU B 46 2.94 -22.71 -5.10
C GLU B 46 2.00 -21.57 -4.70
N LYS B 47 1.80 -21.42 -3.39
CA LYS B 47 0.92 -20.37 -2.85
C LYS B 47 1.35 -18.98 -3.35
N TYR B 48 2.64 -18.73 -3.31
CA TYR B 48 3.18 -17.46 -3.75
C TYR B 48 3.12 -17.36 -5.27
N ALA B 49 3.59 -18.39 -5.96
CA ALA B 49 3.60 -18.41 -7.43
C ALA B 49 2.25 -18.05 -8.01
N LEU B 50 1.21 -18.73 -7.53
CA LEU B 50 -0.15 -18.51 -8.02
C LEU B 50 -0.68 -17.11 -7.78
N GLU B 51 -0.30 -16.51 -6.66
CA GLU B 51 -0.75 -15.17 -6.34
C GLU B 51 0.01 -14.20 -7.25
N LEU B 52 1.28 -14.51 -7.52
CA LEU B 52 2.10 -13.66 -8.38
C LEU B 52 1.52 -13.66 -9.79
N LEU B 53 1.19 -14.85 -10.28
CA LEU B 53 0.62 -14.99 -11.61
C LEU B 53 -0.71 -14.28 -11.74
N GLU B 54 -1.56 -14.40 -10.73
CA GLU B 54 -2.87 -13.76 -10.77
C GLU B 54 -2.79 -12.24 -10.79
N MET B 55 -2.04 -11.65 -9.86
CA MET B 55 -1.95 -10.20 -9.82
C MET B 55 -1.23 -9.67 -11.04
N THR B 56 -0.52 -10.57 -11.70
CA THR B 56 0.26 -10.21 -12.87
C THR B 56 -0.54 -10.41 -14.16
N GLY B 57 -1.70 -11.04 -14.05
CA GLY B 57 -2.53 -11.26 -15.21
C GLY B 57 -2.11 -12.42 -16.09
N ILE B 58 -1.31 -13.33 -15.54
CA ILE B 58 -0.84 -14.50 -16.27
C ILE B 58 -1.70 -15.67 -15.82
N GLU B 59 -2.02 -16.56 -16.75
CA GLU B 59 -2.85 -17.72 -16.40
C GLU B 59 -1.98 -18.90 -16.04
N CYS B 60 -2.50 -19.72 -15.14
CA CYS B 60 -1.79 -20.91 -14.71
C CYS B 60 -2.56 -22.10 -15.28
N VAL B 61 -2.06 -22.66 -16.37
CA VAL B 61 -2.72 -23.78 -17.01
C VAL B 61 -2.56 -25.02 -16.14
N GLN B 62 -1.33 -25.29 -15.72
CA GLN B 62 -1.03 -26.44 -14.87
C GLN B 62 0.12 -26.15 -13.93
N THR B 63 0.18 -26.88 -12.83
CA THR B 63 1.23 -26.72 -11.83
C THR B 63 1.20 -27.88 -10.85
N ILE B 64 2.36 -28.40 -10.48
CA ILE B 64 2.39 -29.47 -9.49
C ILE B 64 2.12 -28.80 -8.14
N LYS B 65 1.85 -29.61 -7.11
CA LYS B 65 1.53 -29.08 -5.79
C LYS B 65 2.69 -28.91 -4.79
N ASP B 66 2.44 -28.08 -3.79
CA ASP B 66 3.42 -27.74 -2.76
C ASP B 66 4.27 -28.78 -2.07
N LYS B 67 4.05 -30.07 -2.30
CA LYS B 67 4.91 -31.04 -1.61
C LYS B 67 5.41 -32.16 -2.52
N GLU B 68 5.03 -32.11 -3.80
CA GLU B 68 5.43 -33.14 -4.74
C GLU B 68 6.92 -33.19 -5.00
N ARG B 69 7.44 -34.39 -5.19
CA ARG B 69 8.85 -34.55 -5.48
C ARG B 69 8.94 -34.39 -7.00
N PHE B 70 10.15 -34.16 -7.51
CA PHE B 70 10.34 -34.01 -8.95
C PHE B 70 11.78 -34.29 -9.32
N LYS B 71 12.01 -34.52 -10.60
CA LYS B 71 13.36 -34.79 -11.09
C LYS B 71 13.71 -33.90 -12.26
N PRO B 72 14.99 -33.84 -12.63
CA PRO B 72 15.36 -32.99 -13.76
C PRO B 72 14.51 -33.20 -15.00
N LYS B 73 14.38 -32.15 -15.79
CA LYS B 73 13.61 -32.15 -17.03
C LYS B 73 12.09 -32.14 -16.81
N ASP B 74 11.64 -32.37 -15.59
CA ASP B 74 10.20 -32.35 -15.31
C ASP B 74 9.59 -30.97 -15.49
N ALA B 75 8.40 -30.90 -16.08
CA ALA B 75 7.71 -29.63 -16.27
C ALA B 75 6.96 -29.38 -14.96
N LEU B 76 7.30 -28.30 -14.27
CA LEU B 76 6.66 -27.99 -12.99
C LEU B 76 5.41 -27.13 -13.12
N MET B 77 5.45 -26.12 -13.96
CA MET B 77 4.29 -25.26 -14.15
C MET B 77 4.12 -24.94 -15.62
N GLU B 78 2.87 -24.74 -16.03
CA GLU B 78 2.57 -24.33 -17.40
C GLU B 78 1.75 -23.05 -17.23
N ILE B 79 2.28 -21.94 -17.73
CA ILE B 79 1.61 -20.66 -17.62
C ILE B 79 1.41 -20.02 -18.99
N ARG B 80 0.44 -19.11 -19.07
CA ARG B 80 0.16 -18.42 -20.33
C ARG B 80 -0.25 -16.97 -20.11
N GLY B 81 0.28 -16.07 -20.95
CA GLY B 81 -0.06 -14.66 -20.81
C GLY B 81 0.73 -13.81 -21.78
N ASP B 82 0.60 -12.49 -21.68
CA ASP B 82 1.35 -11.62 -22.58
C ASP B 82 2.84 -11.97 -22.48
N PHE B 83 3.48 -12.02 -23.64
CA PHE B 83 4.91 -12.34 -23.78
C PHE B 83 5.72 -11.39 -22.89
N SER B 84 5.41 -10.11 -23.00
CA SER B 84 6.09 -9.08 -22.25
C SER B 84 5.97 -9.30 -20.73
N MET B 85 4.81 -9.76 -20.24
CA MET B 85 4.65 -9.98 -18.81
C MET B 85 5.37 -11.27 -18.36
N LEU B 86 5.40 -12.27 -19.24
CA LEU B 86 6.06 -13.52 -18.94
C LEU B 86 7.54 -13.24 -18.66
N LEU B 87 8.13 -12.36 -19.45
CA LEU B 87 9.54 -12.02 -19.31
C LEU B 87 9.78 -11.14 -18.09
N LYS B 88 8.86 -10.20 -17.83
CA LYS B 88 9.00 -9.31 -16.68
C LYS B 88 8.86 -10.08 -15.35
N VAL B 89 8.09 -11.14 -15.36
CA VAL B 89 7.83 -11.91 -14.16
C VAL B 89 8.75 -13.13 -13.99
N GLU B 90 9.39 -13.54 -15.08
CA GLU B 90 10.24 -14.72 -15.07
C GLU B 90 11.18 -14.88 -13.86
N ARG B 91 12.16 -13.99 -13.71
CA ARG B 91 13.13 -14.09 -12.62
C ARG B 91 12.49 -14.08 -11.22
N THR B 92 11.47 -13.25 -11.02
CA THR B 92 10.81 -13.20 -9.72
C THR B 92 10.17 -14.53 -9.38
N LEU B 93 9.49 -15.11 -10.36
CA LEU B 93 8.82 -16.40 -10.21
C LEU B 93 9.82 -17.48 -9.86
N LEU B 94 10.83 -17.62 -10.70
CA LEU B 94 11.86 -18.64 -10.50
C LEU B 94 12.63 -18.47 -9.19
N ASN B 95 13.16 -17.29 -8.94
CA ASN B 95 13.91 -17.07 -7.70
C ASN B 95 13.06 -17.52 -6.50
N LEU B 96 11.79 -17.22 -6.58
CA LEU B 96 10.81 -17.56 -5.57
C LEU B 96 10.68 -19.08 -5.39
N LEU B 97 10.48 -19.80 -6.48
CA LEU B 97 10.34 -21.25 -6.43
C LEU B 97 11.66 -21.95 -6.15
N GLN B 98 12.76 -21.42 -6.66
CA GLN B 98 14.04 -22.07 -6.42
C GLN B 98 14.49 -21.92 -4.97
N HIS B 99 14.17 -20.78 -4.36
CA HIS B 99 14.54 -20.55 -2.98
C HIS B 99 13.61 -21.33 -2.08
N SER B 100 12.32 -21.27 -2.36
CA SER B 100 11.37 -21.99 -1.50
C SER B 100 11.58 -23.49 -1.57
N SER B 101 11.85 -24.01 -2.76
CA SER B 101 12.06 -25.43 -2.94
C SER B 101 13.40 -25.90 -2.35
N GLY B 102 14.40 -25.02 -2.37
CA GLY B 102 15.71 -25.37 -1.83
C GLY B 102 15.57 -25.74 -0.37
N ILE B 103 14.83 -24.91 0.36
CA ILE B 103 14.60 -25.13 1.77
C ILE B 103 13.78 -26.41 1.99
N ALA B 104 12.71 -26.58 1.21
CA ALA B 104 11.87 -27.75 1.35
C ALA B 104 12.68 -29.02 1.10
N THR B 105 13.48 -29.00 0.03
CA THR B 105 14.30 -30.16 -0.30
C THR B 105 15.32 -30.46 0.79
N LEU B 106 16.00 -29.43 1.28
CA LEU B 106 16.99 -29.63 2.33
C LEU B 106 16.30 -30.20 3.56
N THR B 107 15.18 -29.61 3.93
CA THR B 107 14.40 -30.08 5.08
C THR B 107 14.03 -31.54 4.86
N SER B 108 13.69 -31.86 3.62
CA SER B 108 13.32 -33.20 3.21
C SER B 108 14.33 -34.26 3.65
N ARG B 109 15.62 -33.93 3.49
CA ARG B 109 16.70 -34.84 3.86
C ARG B 109 16.83 -35.04 5.36
N PHE B 110 16.36 -34.06 6.14
CA PHE B 110 16.43 -34.18 7.59
C PHE B 110 15.24 -35.00 8.06
N VAL B 111 14.08 -34.78 7.45
CA VAL B 111 12.89 -35.53 7.82
C VAL B 111 13.18 -37.01 7.67
N GLU B 112 13.89 -37.38 6.60
CA GLU B 112 14.25 -38.76 6.36
C GLU B 112 15.23 -39.26 7.42
N ALA B 113 16.42 -38.66 7.45
CA ALA B 113 17.44 -39.06 8.42
C ALA B 113 16.86 -39.19 9.83
N LEU B 114 15.95 -38.30 10.18
CA LEU B 114 15.32 -38.32 11.51
C LEU B 114 14.57 -39.63 11.64
N ASN B 115 13.80 -39.94 10.60
CA ASN B 115 13.01 -41.16 10.52
C ASN B 115 12.20 -41.42 11.79
N SER B 116 11.12 -40.68 11.97
CA SER B 116 10.26 -40.86 13.14
C SER B 116 8.89 -40.28 12.85
N HIS B 117 7.87 -40.79 13.53
CA HIS B 117 6.51 -40.28 13.37
C HIS B 117 6.06 -39.73 14.70
N LYS B 118 6.90 -39.88 15.72
CA LYS B 118 6.59 -39.40 17.05
C LYS B 118 7.37 -38.13 17.42
N VAL B 119 8.55 -37.98 16.84
CA VAL B 119 9.40 -36.82 17.10
C VAL B 119 9.33 -35.85 15.91
N ARG B 120 8.83 -34.64 16.12
CA ARG B 120 8.74 -33.68 15.02
C ARG B 120 9.98 -32.79 14.87
N LEU B 121 10.29 -32.47 13.61
CA LEU B 121 11.43 -31.62 13.26
C LEU B 121 10.97 -30.16 13.20
N LEU B 122 11.72 -29.26 13.84
CA LEU B 122 11.37 -27.85 13.87
C LEU B 122 12.46 -26.93 13.29
N ASP B 123 12.05 -25.72 12.95
CA ASP B 123 12.97 -24.74 12.43
C ASP B 123 13.37 -23.80 13.56
N THR B 124 13.81 -22.59 13.22
CA THR B 124 14.28 -21.63 14.21
C THR B 124 13.76 -20.24 13.85
N ARG B 125 14.25 -19.23 14.57
CA ARG B 125 13.88 -17.86 14.26
C ARG B 125 15.04 -17.27 13.41
N LYS B 126 15.91 -18.15 12.95
CA LYS B 126 17.03 -17.76 12.09
C LYS B 126 16.49 -17.87 10.68
N THR B 127 16.12 -16.73 10.13
CA THR B 127 15.57 -16.69 8.79
C THR B 127 16.05 -15.42 8.12
N ARG B 128 16.16 -15.45 6.80
CA ARG B 128 16.63 -14.28 6.09
C ARG B 128 15.65 -13.11 6.24
N PRO B 129 16.18 -11.89 6.38
CA PRO B 129 15.31 -10.72 6.53
C PRO B 129 14.17 -10.65 5.53
N LEU B 130 12.99 -10.34 6.04
CA LEU B 130 11.76 -10.20 5.27
C LEU B 130 11.20 -11.52 4.75
N LEU B 131 11.93 -12.60 4.92
CA LEU B 131 11.47 -13.89 4.43
C LEU B 131 11.09 -14.87 5.53
N ARG B 132 10.73 -14.37 6.71
CA ARG B 132 10.37 -15.29 7.76
C ARG B 132 9.19 -16.17 7.39
N ILE B 133 8.02 -15.58 7.27
CA ILE B 133 6.82 -16.33 6.93
C ILE B 133 7.05 -17.17 5.69
N PHE B 134 7.73 -16.60 4.70
CA PHE B 134 8.02 -17.31 3.48
C PHE B 134 8.88 -18.54 3.75
N GLU B 135 9.96 -18.36 4.49
CA GLU B 135 10.84 -19.48 4.77
C GLU B 135 10.21 -20.52 5.70
N LYS B 136 9.33 -20.09 6.59
CA LYS B 136 8.67 -21.01 7.52
C LYS B 136 7.67 -21.87 6.74
N TYR B 137 6.99 -21.25 5.79
CA TYR B 137 6.01 -21.93 4.95
C TYR B 137 6.74 -23.00 4.17
N SER B 138 7.94 -22.64 3.74
CA SER B 138 8.80 -23.51 2.95
C SER B 138 9.20 -24.75 3.74
N VAL B 139 9.48 -24.54 5.02
CA VAL B 139 9.88 -25.65 5.87
C VAL B 139 8.70 -26.61 5.99
N LEU B 140 7.50 -26.07 6.15
CA LEU B 140 6.33 -26.94 6.24
C LEU B 140 6.28 -27.87 5.04
N ASN B 141 6.55 -27.33 3.86
CA ASN B 141 6.49 -28.13 2.64
C ASN B 141 7.60 -29.17 2.44
N GLY B 142 8.47 -29.31 3.43
CA GLY B 142 9.53 -30.29 3.35
C GLY B 142 9.16 -31.49 4.20
N GLY B 143 8.06 -31.34 4.94
CA GLY B 143 7.59 -32.42 5.79
C GLY B 143 7.84 -32.19 7.25
N ALA B 144 8.38 -31.03 7.63
CA ALA B 144 8.66 -30.78 9.03
C ALA B 144 7.60 -29.92 9.68
N SER B 145 7.91 -29.39 10.86
CA SER B 145 6.98 -28.54 11.58
C SER B 145 7.62 -27.20 11.85
N ASN B 146 6.82 -26.22 12.28
CA ASN B 146 7.37 -24.91 12.54
C ASN B 146 7.48 -24.64 14.04
N HIS B 147 8.45 -23.81 14.41
CA HIS B 147 8.58 -23.44 15.82
C HIS B 147 7.75 -22.15 15.86
N ARG B 148 7.87 -21.36 16.91
CA ARG B 148 7.09 -20.13 16.96
C ARG B 148 7.52 -19.26 15.77
N LEU B 149 6.66 -18.35 15.35
CA LEU B 149 6.96 -17.47 14.22
C LEU B 149 7.60 -16.16 14.64
N GLY B 150 7.54 -15.84 15.93
CA GLY B 150 8.13 -14.59 16.35
C GLY B 150 8.26 -14.41 17.86
N LEU B 151 8.53 -13.18 18.26
CA LEU B 151 8.69 -12.81 19.66
C LEU B 151 7.36 -12.57 20.33
N ASP B 152 6.28 -12.68 19.55
CA ASP B 152 4.94 -12.46 20.08
C ASP B 152 4.21 -13.79 20.23
N ASP B 153 4.68 -14.79 19.51
CA ASP B 153 4.13 -16.15 19.47
C ASP B 153 4.14 -16.88 20.82
N ALA B 154 5.27 -16.78 21.52
CA ALA B 154 5.47 -17.43 22.80
C ALA B 154 6.65 -16.76 23.49
N LEU B 155 6.90 -17.13 24.74
CA LEU B 155 8.00 -16.56 25.52
C LEU B 155 9.09 -17.61 25.67
N MET B 156 10.28 -17.30 25.18
CA MET B 156 11.41 -18.21 25.26
C MET B 156 12.54 -17.47 25.98
N LEU B 157 12.91 -17.92 27.17
CA LEU B 157 13.98 -17.28 27.93
C LEU B 157 15.24 -18.11 27.80
N LYS B 158 16.36 -17.47 27.50
CA LYS B 158 17.64 -18.15 27.36
C LYS B 158 18.67 -17.46 28.26
N ASP B 159 19.92 -17.89 28.12
CA ASP B 159 21.04 -17.35 28.89
C ASP B 159 20.91 -15.88 29.25
N THR B 160 20.89 -15.06 28.21
CA THR B 160 20.79 -13.61 28.37
C THR B 160 19.68 -13.20 29.29
N HIS B 161 18.51 -13.79 29.10
CA HIS B 161 17.37 -13.44 29.93
C HIS B 161 17.60 -13.94 31.36
N LEU B 162 17.90 -15.24 31.46
CA LEU B 162 18.12 -15.91 32.74
C LEU B 162 19.15 -15.27 33.66
N ARG B 163 20.18 -14.63 33.09
CA ARG B 163 21.21 -14.00 33.90
C ARG B 163 20.63 -12.88 34.74
N HIS B 164 19.41 -12.46 34.40
CA HIS B 164 18.78 -11.39 35.14
C HIS B 164 17.54 -11.82 35.89
N VAL B 165 17.22 -13.11 35.86
CA VAL B 165 16.08 -13.66 36.58
C VAL B 165 16.66 -14.48 37.72
N LYS B 166 16.64 -13.96 38.93
CA LYS B 166 17.23 -14.74 40.02
C LYS B 166 16.40 -15.92 40.51
N ASP B 167 15.09 -15.75 40.62
CA ASP B 167 14.22 -16.83 41.07
C ASP B 167 13.20 -17.18 39.96
N LEU B 168 13.53 -18.15 39.12
CA LEU B 168 12.63 -18.54 38.03
C LEU B 168 11.22 -18.84 38.51
N LYS B 169 11.05 -19.96 39.20
CA LYS B 169 9.74 -20.36 39.70
C LYS B 169 8.83 -19.16 39.92
N SER B 170 9.31 -18.25 40.78
CA SER B 170 8.58 -17.03 41.13
C SER B 170 8.33 -16.15 39.91
N PHE B 171 9.37 -15.98 39.10
CA PHE B 171 9.29 -15.16 37.89
C PHE B 171 8.20 -15.72 36.97
N LEU B 172 8.30 -17.02 36.69
CA LEU B 172 7.32 -17.71 35.85
C LEU B 172 5.91 -17.64 36.42
N THR B 173 5.81 -17.70 37.75
CA THR B 173 4.52 -17.66 38.39
C THR B 173 3.83 -16.32 38.19
N HIS B 174 4.56 -15.23 38.43
CA HIS B 174 3.98 -13.90 38.28
C HIS B 174 3.99 -13.36 36.86
N ALA B 175 4.65 -14.07 35.95
CA ALA B 175 4.72 -13.65 34.57
C ALA B 175 3.41 -13.94 33.83
N ARG B 176 2.76 -15.02 34.23
CA ARG B 176 1.51 -15.47 33.63
C ARG B 176 0.42 -14.39 33.41
N LYS B 177 0.12 -13.60 34.43
CA LYS B 177 -0.91 -12.57 34.29
C LYS B 177 -0.50 -11.43 33.36
N ASN B 178 0.78 -11.32 33.04
CA ASN B 178 1.25 -10.25 32.14
C ASN B 178 1.47 -10.75 30.72
N LEU B 179 1.25 -12.04 30.51
CA LEU B 179 1.38 -12.64 29.19
C LEU B 179 -0.03 -12.91 28.69
N PRO B 180 -0.20 -13.12 27.38
CA PRO B 180 -1.59 -13.40 27.01
C PRO B 180 -1.92 -14.77 27.54
N PHE B 181 -3.15 -14.92 28.02
CA PHE B 181 -3.64 -16.18 28.59
C PHE B 181 -3.11 -17.46 27.95
N THR B 182 -2.99 -17.47 26.62
CA THR B 182 -2.55 -18.65 25.88
C THR B 182 -1.04 -18.90 25.70
N ALA B 183 -0.21 -17.93 26.05
CA ALA B 183 1.23 -18.08 25.86
C ALA B 183 1.87 -19.24 26.62
N LYS B 184 2.89 -19.82 26.02
CA LYS B 184 3.64 -20.91 26.63
C LYS B 184 5.00 -20.29 26.92
N ILE B 185 5.73 -20.84 27.89
CA ILE B 185 7.04 -20.32 28.21
C ILE B 185 8.03 -21.44 27.97
N GLU B 186 9.19 -21.10 27.42
CA GLU B 186 10.21 -22.10 27.17
C GLU B 186 11.52 -21.62 27.75
N ILE B 187 12.30 -22.56 28.26
CA ILE B 187 13.56 -22.21 28.86
C ILE B 187 14.71 -23.06 28.35
N GLU B 188 15.75 -22.41 27.84
CA GLU B 188 16.91 -23.14 27.34
C GLU B 188 17.81 -23.53 28.51
N CYS B 189 18.22 -24.80 28.53
CA CYS B 189 19.06 -25.35 29.58
C CYS B 189 20.22 -26.07 28.92
N GLU B 190 21.40 -26.00 29.54
CA GLU B 190 22.59 -26.64 28.99
C GLU B 190 23.15 -27.75 29.88
N SER B 191 22.35 -28.16 30.87
CA SER B 191 22.75 -29.21 31.79
C SER B 191 21.51 -29.79 32.46
N PHE B 192 21.60 -31.05 32.85
CA PHE B 192 20.51 -31.77 33.51
C PHE B 192 19.97 -30.95 34.67
N GLU B 193 20.88 -30.33 35.41
CA GLU B 193 20.48 -29.54 36.56
C GLU B 193 19.58 -28.38 36.13
N GLU B 194 20.00 -27.67 35.09
CA GLU B 194 19.22 -26.53 34.61
C GLU B 194 17.82 -26.93 34.17
N ALA B 195 17.73 -28.02 33.41
CA ALA B 195 16.45 -28.51 32.94
C ALA B 195 15.56 -28.88 34.12
N LYS B 196 16.10 -29.67 35.04
CA LYS B 196 15.35 -30.11 36.21
C LYS B 196 14.73 -28.93 36.95
N ASN B 197 15.54 -27.89 37.18
CA ASN B 197 15.07 -26.73 37.90
C ASN B 197 14.15 -25.83 37.08
N ALA B 198 14.16 -26.00 35.76
CA ALA B 198 13.26 -25.25 34.88
C ALA B 198 11.89 -25.91 35.00
N MET B 199 11.87 -27.24 34.86
CA MET B 199 10.64 -28.02 34.98
C MET B 199 9.98 -27.63 36.30
N ASN B 200 10.75 -27.70 37.39
CA ASN B 200 10.23 -27.35 38.71
C ASN B 200 9.83 -25.87 38.79
N ALA B 201 10.44 -25.04 37.96
CA ALA B 201 10.14 -23.61 37.96
C ALA B 201 8.75 -23.32 37.37
N GLY B 202 8.27 -24.23 36.52
CA GLY B 202 6.96 -24.05 35.92
C GLY B 202 7.01 -23.84 34.41
N ALA B 203 8.09 -24.28 33.77
CA ALA B 203 8.26 -24.16 32.33
C ALA B 203 7.32 -25.08 31.54
N ASP B 204 6.81 -24.59 30.42
CA ASP B 204 5.91 -25.37 29.56
C ASP B 204 6.75 -26.24 28.63
N ILE B 205 7.89 -25.68 28.22
CA ILE B 205 8.80 -26.36 27.32
C ILE B 205 10.23 -26.17 27.78
N VAL B 206 11.07 -27.19 27.61
CA VAL B 206 12.47 -27.06 27.99
C VAL B 206 13.31 -27.43 26.79
N MET B 207 14.35 -26.64 26.53
CA MET B 207 15.25 -26.90 25.41
C MET B 207 16.57 -27.48 25.92
N CYS B 208 16.97 -28.61 25.34
CA CYS B 208 18.25 -29.24 25.72
C CYS B 208 19.28 -28.75 24.71
N ASP B 209 19.86 -27.60 25.02
CA ASP B 209 20.84 -26.92 24.17
C ASP B 209 22.27 -27.46 24.22
N ASN B 210 22.70 -28.11 23.14
CA ASN B 210 24.05 -28.67 23.04
C ASN B 210 24.37 -29.67 24.14
N LEU B 211 23.72 -30.82 24.08
CA LEU B 211 23.93 -31.87 25.06
C LEU B 211 24.04 -33.22 24.34
N SER B 212 24.90 -34.08 24.85
CA SER B 212 25.09 -35.41 24.26
C SER B 212 23.75 -36.11 24.22
N VAL B 213 23.63 -37.19 23.47
CA VAL B 213 22.37 -37.91 23.42
C VAL B 213 22.13 -38.48 24.81
N LEU B 214 23.19 -38.97 25.44
CA LEU B 214 23.09 -39.52 26.79
C LEU B 214 22.54 -38.45 27.70
N GLU B 215 23.22 -37.32 27.72
CA GLU B 215 22.82 -36.19 28.54
C GLU B 215 21.32 -35.91 28.38
N THR B 216 20.86 -35.94 27.13
CA THR B 216 19.46 -35.69 26.80
C THR B 216 18.52 -36.79 27.29
N LYS B 217 18.92 -38.05 27.10
CA LYS B 217 18.09 -39.15 27.57
C LYS B 217 17.83 -38.95 29.05
N GLU B 218 18.89 -38.58 29.78
CA GLU B 218 18.79 -38.34 31.21
C GLU B 218 17.66 -37.38 31.53
N ILE B 219 17.58 -36.28 30.79
CA ILE B 219 16.54 -35.31 31.03
C ILE B 219 15.19 -35.85 30.57
N ALA B 220 15.19 -36.57 29.45
CA ALA B 220 13.97 -37.15 28.92
C ALA B 220 13.37 -38.10 29.94
N ALA B 221 14.22 -38.97 30.49
CA ALA B 221 13.77 -39.91 31.50
C ALA B 221 13.17 -39.15 32.68
N TYR B 222 13.91 -38.19 33.23
CA TYR B 222 13.44 -37.42 34.36
C TYR B 222 12.07 -36.78 34.11
N ARG B 223 11.86 -36.30 32.90
CA ARG B 223 10.61 -35.66 32.52
C ARG B 223 9.45 -36.65 32.53
N ASP B 224 9.74 -37.90 32.18
CA ASP B 224 8.70 -38.91 32.16
C ASP B 224 8.29 -39.32 33.57
N ALA B 225 9.26 -39.45 34.46
CA ALA B 225 9.00 -39.83 35.84
C ALA B 225 8.17 -38.78 36.55
N HIS B 226 8.52 -37.52 36.34
CA HIS B 226 7.80 -36.39 36.95
C HIS B 226 7.68 -35.35 35.84
N TYR B 227 6.70 -34.47 35.91
CA TYR B 227 6.56 -33.44 34.86
C TYR B 227 6.26 -34.06 33.48
N PRO B 228 5.26 -34.96 33.40
CA PRO B 228 4.93 -35.59 32.12
C PRO B 228 4.28 -34.71 31.04
N PHE B 229 3.87 -33.50 31.40
CA PHE B 229 3.23 -32.63 30.42
C PHE B 229 4.12 -31.48 29.97
N VAL B 230 5.41 -31.62 30.19
CA VAL B 230 6.37 -30.61 29.78
C VAL B 230 6.99 -31.10 28.47
N LEU B 231 7.02 -30.23 27.48
CA LEU B 231 7.59 -30.58 26.18
C LEU B 231 9.09 -30.38 26.16
N LEU B 232 9.79 -31.41 25.71
CA LEU B 232 11.23 -31.33 25.62
C LEU B 232 11.64 -31.17 24.16
N GLU B 233 12.62 -30.31 23.93
CA GLU B 233 13.13 -30.04 22.59
C GLU B 233 14.64 -30.09 22.64
N ALA B 234 15.27 -30.73 21.67
CA ALA B 234 16.72 -30.78 21.62
C ALA B 234 17.22 -29.94 20.45
N SER B 235 18.34 -29.26 20.63
CA SER B 235 18.92 -28.43 19.56
C SER B 235 20.36 -28.07 19.86
N GLY B 236 21.12 -27.78 18.81
CA GLY B 236 22.52 -27.43 19.01
C GLY B 236 23.41 -28.03 17.94
N ASN B 237 23.50 -27.34 16.80
CA ASN B 237 24.31 -27.78 15.67
C ASN B 237 24.04 -29.23 15.31
N ILE B 238 22.82 -29.67 15.54
CA ILE B 238 22.43 -31.04 15.24
C ILE B 238 22.46 -31.32 13.75
N SER B 239 23.50 -32.02 13.30
CA SER B 239 23.70 -32.36 11.89
C SER B 239 22.80 -33.44 11.31
N LEU B 240 22.97 -33.66 10.01
CA LEU B 240 22.21 -34.67 9.29
C LEU B 240 22.65 -36.03 9.78
N GLU B 241 23.89 -36.09 10.27
CA GLU B 241 24.48 -37.34 10.76
C GLU B 241 24.28 -37.61 12.25
N SER B 242 23.38 -36.89 12.91
CA SER B 242 23.17 -37.13 14.34
C SER B 242 21.72 -37.02 14.81
N ILE B 243 20.87 -36.40 13.99
CA ILE B 243 19.48 -36.24 14.36
C ILE B 243 18.82 -37.55 14.76
N ASN B 244 19.03 -38.61 13.98
CA ASN B 244 18.42 -39.90 14.28
C ASN B 244 18.78 -40.37 15.68
N ALA B 245 20.05 -40.26 16.02
CA ALA B 245 20.50 -40.66 17.34
C ALA B 245 19.71 -39.86 18.38
N TYR B 246 19.55 -38.56 18.12
CA TYR B 246 18.82 -37.68 19.02
C TYR B 246 17.34 -37.97 19.06
N ALA B 247 16.82 -38.52 17.96
CA ALA B 247 15.39 -38.82 17.89
C ALA B 247 15.05 -39.88 18.93
N LYS B 248 16.01 -40.77 19.17
CA LYS B 248 15.83 -41.84 20.13
C LYS B 248 16.06 -41.38 21.56
N SER B 249 16.51 -40.13 21.71
CA SER B 249 16.78 -39.59 23.04
C SER B 249 15.53 -39.60 23.93
N GLY B 250 14.37 -39.45 23.31
CA GLY B 250 13.13 -39.41 24.06
C GLY B 250 12.52 -38.02 24.04
N VAL B 251 13.02 -37.16 23.16
CA VAL B 251 12.53 -35.79 23.07
C VAL B 251 11.29 -35.70 22.17
N ASP B 252 10.51 -34.62 22.31
CA ASP B 252 9.31 -34.43 21.50
C ASP B 252 9.62 -33.80 20.14
N ALA B 253 10.68 -33.01 20.10
CA ALA B 253 11.08 -32.35 18.88
C ALA B 253 12.57 -32.03 18.87
N ILE B 254 13.10 -31.92 17.66
CA ILE B 254 14.49 -31.59 17.42
C ILE B 254 14.49 -30.38 16.49
N SER B 255 15.09 -29.28 16.93
CA SER B 255 15.12 -28.07 16.11
C SER B 255 16.49 -27.83 15.49
N VAL B 256 16.50 -27.62 14.17
CA VAL B 256 17.74 -27.35 13.47
C VAL B 256 17.48 -26.19 12.54
N GLY B 257 18.14 -25.07 12.82
CA GLY B 257 17.97 -23.87 12.02
C GLY B 257 18.56 -23.96 10.62
N ALA B 258 19.52 -24.85 10.42
CA ALA B 258 20.15 -25.00 9.11
C ALA B 258 19.15 -25.39 8.01
N LEU B 259 17.98 -25.88 8.40
CA LEU B 259 16.97 -26.27 7.42
C LEU B 259 16.70 -25.05 6.54
N ILE B 260 16.81 -23.87 7.14
CA ILE B 260 16.59 -22.65 6.42
C ILE B 260 17.88 -21.95 6.04
N HIS B 261 18.74 -21.66 7.02
CA HIS B 261 19.97 -20.93 6.73
C HIS B 261 21.13 -21.64 6.05
N GLN B 262 20.99 -22.93 5.74
CA GLN B 262 22.06 -23.62 5.03
C GLN B 262 21.50 -24.16 3.72
N ALA B 263 20.24 -23.82 3.45
CA ALA B 263 19.59 -24.25 2.22
C ALA B 263 20.04 -23.35 1.06
N THR B 264 20.03 -23.91 -0.14
CA THR B 264 20.43 -23.19 -1.35
C THR B 264 19.40 -23.42 -2.46
N PHE B 265 19.48 -22.63 -3.52
CA PHE B 265 18.56 -22.74 -4.65
C PHE B 265 18.57 -24.09 -5.39
N ILE B 266 17.39 -24.57 -5.77
CA ILE B 266 17.27 -25.80 -6.57
C ILE B 266 17.27 -25.32 -8.03
N ASP B 267 18.14 -25.86 -8.87
CA ASP B 267 18.20 -25.40 -10.25
C ASP B 267 16.86 -25.57 -10.99
N MET B 268 16.42 -24.48 -11.62
CA MET B 268 15.17 -24.42 -12.38
C MET B 268 15.29 -23.38 -13.49
N HIS B 269 14.45 -23.49 -14.52
CA HIS B 269 14.45 -22.50 -15.59
C HIS B 269 13.12 -22.43 -16.33
N MET B 270 12.86 -21.29 -16.97
CA MET B 270 11.63 -21.05 -17.73
C MET B 270 11.92 -21.23 -19.22
N LYS B 271 11.05 -21.95 -19.93
CA LYS B 271 11.26 -22.20 -21.35
C LYS B 271 9.95 -22.02 -22.11
N MET B 272 10.00 -21.29 -23.22
CA MET B 272 8.82 -21.03 -24.03
C MET B 272 8.41 -22.26 -24.86
N ALA B 273 7.49 -22.09 -25.81
CA ALA B 273 6.86 -23.08 -26.66
C ALA B 273 5.95 -24.00 -25.86
N MET C 1 -10.78 0.88 -3.52
CA MET C 1 -11.47 2.03 -3.09
C MET C 1 -11.02 2.92 -1.93
N GLU C 2 -11.90 3.81 -1.49
CA GLU C 2 -11.61 4.77 -0.42
C GLU C 2 -11.42 4.21 1.00
N ILE C 3 -11.99 3.04 1.27
CA ILE C 3 -11.88 2.45 2.60
C ILE C 3 -11.37 1.03 2.52
N ARG C 4 -10.80 0.67 1.38
CA ARG C 4 -10.31 -0.68 1.21
C ARG C 4 -9.04 -0.84 2.04
N THR C 5 -8.30 0.25 2.18
CA THR C 5 -7.08 0.23 2.98
C THR C 5 -7.48 0.03 4.44
N PHE C 6 -8.52 0.72 4.86
CA PHE C 6 -9.02 0.62 6.22
C PHE C 6 -9.31 -0.85 6.59
N LEU C 7 -9.95 -1.57 5.67
CA LEU C 7 -10.30 -2.96 5.88
C LEU C 7 -9.09 -3.89 5.88
N GLU C 8 -8.15 -3.68 4.97
CA GLU C 8 -6.95 -4.51 4.93
C GLU C 8 -6.23 -4.43 6.28
N ARG C 9 -6.10 -3.21 6.79
CA ARG C 9 -5.44 -2.99 8.06
C ARG C 9 -6.18 -3.65 9.22
N ALA C 10 -7.51 -3.57 9.19
CA ALA C 10 -8.32 -4.18 10.22
C ALA C 10 -8.11 -5.69 10.23
N LEU C 11 -8.24 -6.28 9.06
CA LEU C 11 -8.06 -7.71 8.91
C LEU C 11 -6.63 -8.11 9.21
N LYS C 12 -5.68 -7.20 8.93
CA LYS C 12 -4.26 -7.48 9.16
C LYS C 12 -3.93 -7.66 10.65
N GLU C 13 -4.53 -6.82 11.48
CA GLU C 13 -4.30 -6.84 12.93
C GLU C 13 -4.72 -8.16 13.59
N ASP C 14 -5.82 -8.86 13.05
CA ASP C 14 -6.38 -10.01 13.67
C ASP C 14 -5.56 -11.25 13.38
N LEU C 15 -5.15 -11.49 12.14
CA LEU C 15 -4.45 -12.72 11.73
C LEU C 15 -2.93 -12.59 11.89
N GLY C 16 -2.32 -11.44 11.74
CA GLY C 16 -0.86 -11.33 11.89
C GLY C 16 -0.14 -12.41 11.08
N HIS C 17 0.59 -13.07 11.72
CA HIS C 17 1.50 -14.02 11.06
C HIS C 17 0.76 -14.99 10.14
N GLY C 18 -0.50 -15.24 10.47
CA GLY C 18 -1.31 -16.16 9.70
C GLY C 18 -2.25 -16.92 10.60
N ASP C 19 -3.49 -17.12 10.13
CA ASP C 19 -4.47 -17.85 10.89
C ASP C 19 -3.96 -19.26 11.15
N LEU C 20 -4.17 -19.75 12.36
CA LEU C 20 -3.71 -21.08 12.72
C LEU C 20 -4.63 -22.18 12.23
N PHE C 21 -5.93 -21.93 12.28
CA PHE C 21 -6.87 -22.97 11.85
C PHE C 21 -6.54 -23.50 10.47
N GLU C 22 -6.38 -22.60 9.50
CA GLU C 22 -6.10 -23.03 8.14
C GLU C 22 -4.88 -23.94 8.01
N ARG C 23 -3.98 -23.93 9.00
CA ARG C 23 -2.81 -24.83 8.92
C ARG C 23 -3.26 -26.23 9.37
N VAL C 24 -4.43 -26.27 10.00
CA VAL C 24 -4.98 -27.52 10.53
C VAL C 24 -6.07 -28.15 9.67
N LEU C 25 -6.95 -27.31 9.14
CA LEU C 25 -8.06 -27.78 8.30
C LEU C 25 -7.57 -28.74 7.19
N GLU C 26 -8.31 -29.82 6.99
CA GLU C 26 -7.98 -30.85 6.00
C GLU C 26 -8.32 -30.41 4.58
N LYS C 27 -9.62 -30.25 4.37
CA LYS C 27 -10.16 -29.85 3.08
C LYS C 27 -11.07 -28.65 3.34
N ASP C 28 -10.92 -27.62 2.52
CA ASP C 28 -11.74 -26.43 2.68
C ASP C 28 -12.91 -26.58 1.74
N PHE C 29 -14.03 -25.99 2.09
CA PHE C 29 -15.25 -26.07 1.30
C PHE C 29 -15.99 -24.76 1.39
N LYS C 30 -16.90 -24.53 0.44
CA LYS C 30 -17.68 -23.30 0.47
C LYS C 30 -18.86 -23.49 1.41
N ALA C 31 -19.06 -22.56 2.32
CA ALA C 31 -20.15 -22.65 3.27
C ALA C 31 -20.89 -21.31 3.40
N THR C 32 -22.02 -21.34 4.09
CA THR C 32 -22.83 -20.14 4.28
C THR C 32 -22.94 -19.80 5.74
N ALA C 33 -23.11 -18.53 6.03
CA ALA C 33 -23.22 -18.09 7.41
C ALA C 33 -24.20 -16.95 7.43
N PHE C 34 -24.70 -16.63 8.62
CA PHE C 34 -25.65 -15.53 8.76
C PHE C 34 -25.23 -14.61 9.88
N VAL C 35 -25.14 -13.32 9.60
CA VAL C 35 -24.82 -12.40 10.65
C VAL C 35 -26.19 -12.15 11.24
N ARG C 36 -26.39 -12.67 12.44
CA ARG C 36 -27.67 -12.56 13.13
C ARG C 36 -27.57 -11.62 14.31
N ALA C 37 -28.63 -10.87 14.57
CA ALA C 37 -28.65 -9.92 15.68
C ALA C 37 -29.10 -10.62 16.97
N LYS C 38 -28.76 -10.02 18.10
CA LYS C 38 -29.13 -10.56 19.41
C LYS C 38 -29.65 -9.40 20.23
N GLN C 39 -29.87 -8.28 19.56
CA GLN C 39 -30.36 -7.10 20.22
C GLN C 39 -31.08 -6.22 19.21
N GLU C 40 -31.78 -5.19 19.70
CA GLU C 40 -32.53 -4.28 18.86
C GLU C 40 -31.69 -3.06 18.56
N GLY C 41 -31.77 -2.54 17.33
CA GLY C 41 -31.00 -1.36 16.99
C GLY C 41 -31.10 -0.94 15.53
N VAL C 42 -30.28 0.04 15.16
CA VAL C 42 -30.24 0.55 13.79
C VAL C 42 -28.94 0.08 13.13
N PHE C 43 -29.08 -0.66 12.03
CA PHE C 43 -27.94 -1.22 11.28
C PHE C 43 -27.05 -0.18 10.61
N SER C 44 -25.74 -0.40 10.69
CA SER C 44 -24.76 0.50 10.07
C SER C 44 -23.46 -0.22 9.74
N GLY C 45 -22.81 0.19 8.66
CA GLY C 45 -21.58 -0.44 8.27
C GLY C 45 -21.75 -1.36 7.07
N GLU C 46 -22.81 -1.13 6.31
CA GLU C 46 -23.07 -1.95 5.13
C GLU C 46 -21.97 -1.66 4.09
N LYS C 47 -21.55 -0.40 4.04
CA LYS C 47 -20.51 0.01 3.10
C LYS C 47 -19.19 -0.72 3.32
N TYR C 48 -18.72 -0.76 4.56
CA TYR C 48 -17.47 -1.44 4.87
C TYR C 48 -17.56 -2.95 4.78
N ALA C 49 -18.66 -3.51 5.27
CA ALA C 49 -18.85 -4.96 5.25
C ALA C 49 -18.82 -5.52 3.83
N LEU C 50 -19.58 -4.90 2.92
CA LEU C 50 -19.60 -5.36 1.54
C LEU C 50 -18.22 -5.28 0.88
N GLU C 51 -17.47 -4.23 1.22
CA GLU C 51 -16.14 -4.06 0.68
C GLU C 51 -15.20 -5.13 1.24
N LEU C 52 -15.38 -5.45 2.52
CA LEU C 52 -14.55 -6.46 3.18
C LEU C 52 -14.75 -7.84 2.60
N LEU C 53 -16.00 -8.19 2.29
CA LEU C 53 -16.27 -9.51 1.73
C LEU C 53 -15.76 -9.61 0.29
N GLU C 54 -15.95 -8.54 -0.48
CA GLU C 54 -15.52 -8.54 -1.86
C GLU C 54 -14.02 -8.69 -1.96
N MET C 55 -13.29 -7.80 -1.29
CA MET C 55 -11.84 -7.86 -1.34
C MET C 55 -11.35 -9.11 -0.66
N THR C 56 -12.24 -9.80 0.02
CA THR C 56 -11.86 -11.00 0.75
C THR C 56 -12.38 -12.29 0.12
N GLY C 57 -13.09 -12.18 -1.00
CA GLY C 57 -13.59 -13.38 -1.65
C GLY C 57 -15.00 -13.80 -1.28
N ILE C 58 -15.34 -13.74 0.00
CA ILE C 58 -16.68 -14.14 0.46
C ILE C 58 -17.75 -13.45 -0.37
N GLU C 59 -18.81 -14.18 -0.70
CA GLU C 59 -19.89 -13.64 -1.50
C GLU C 59 -21.04 -13.16 -0.61
N CYS C 60 -21.59 -11.99 -0.91
CA CYS C 60 -22.70 -11.46 -0.13
C CYS C 60 -24.02 -11.84 -0.80
N VAL C 61 -24.76 -12.73 -0.16
CA VAL C 61 -26.03 -13.20 -0.69
C VAL C 61 -27.18 -12.24 -0.39
N GLN C 62 -27.32 -11.83 0.88
CA GLN C 62 -28.38 -10.92 1.30
C GLN C 62 -27.93 -10.05 2.46
N THR C 63 -28.53 -8.86 2.58
CA THR C 63 -28.20 -7.95 3.68
C THR C 63 -29.22 -6.84 3.83
N ILE C 64 -29.55 -6.50 5.08
CA ILE C 64 -30.47 -5.41 5.31
C ILE C 64 -29.62 -4.20 4.95
N LYS C 65 -30.19 -3.00 5.02
CA LYS C 65 -29.40 -1.86 4.63
C LYS C 65 -29.21 -0.79 5.69
N ASP C 66 -28.19 -0.06 5.50
CA ASP C 66 -27.88 1.04 6.42
C ASP C 66 -29.12 1.81 6.85
N LYS C 67 -29.28 1.96 8.16
CA LYS C 67 -30.43 2.72 8.69
C LYS C 67 -31.69 1.93 8.92
N GLU C 68 -31.74 0.67 8.56
CA GLU C 68 -32.90 -0.18 8.82
C GLU C 68 -32.78 -0.69 10.25
N ARG C 69 -33.95 -0.68 10.86
CA ARG C 69 -34.11 -1.15 12.24
C ARG C 69 -34.15 -2.67 12.23
N PHE C 70 -33.80 -3.28 13.35
CA PHE C 70 -33.83 -4.73 13.48
C PHE C 70 -34.07 -5.16 14.93
N LYS C 71 -34.58 -6.36 15.17
CA LYS C 71 -34.79 -6.97 16.47
C LYS C 71 -33.99 -8.26 16.59
N PRO C 72 -34.05 -8.67 18.10
CA PRO C 72 -33.18 -9.81 18.38
C PRO C 72 -33.57 -11.05 17.56
N LYS C 73 -32.64 -11.75 17.03
CA LYS C 73 -32.77 -13.03 16.36
C LYS C 73 -32.73 -12.85 14.86
N ASP C 74 -33.12 -11.63 14.46
CA ASP C 74 -33.12 -11.22 13.08
C ASP C 74 -31.80 -11.50 12.41
N ALA C 75 -31.90 -12.05 11.11
CA ALA C 75 -30.71 -12.30 10.31
C ALA C 75 -30.35 -11.10 9.46
N LEU C 76 -29.29 -10.41 9.81
CA LEU C 76 -28.89 -9.18 9.12
C LEU C 76 -28.13 -9.39 7.81
N MET C 77 -27.39 -10.49 7.71
CA MET C 77 -26.62 -10.79 6.51
C MET C 77 -26.49 -12.29 6.25
N GLU C 78 -26.40 -12.64 4.96
CA GLU C 78 -26.22 -14.02 4.55
C GLU C 78 -25.01 -13.98 3.64
N ILE C 79 -23.92 -14.64 4.04
CA ILE C 79 -22.70 -14.65 3.24
C ILE C 79 -22.34 -16.06 2.79
N ARG C 80 -21.55 -16.13 1.72
CA ARG C 80 -21.16 -17.41 1.13
C ARG C 80 -19.70 -17.41 0.69
N GLY C 81 -18.92 -18.36 1.18
CA GLY C 81 -17.53 -18.41 0.80
C GLY C 81 -16.82 -19.61 1.39
N ASP C 82 -15.49 -19.64 1.28
CA ASP C 82 -14.71 -20.73 1.83
C ASP C 82 -14.83 -20.79 3.34
N PHE C 83 -14.90 -22.00 3.86
CA PHE C 83 -15.00 -22.21 5.30
C PHE C 83 -13.91 -21.46 6.05
N SER C 84 -12.70 -21.51 5.51
CA SER C 84 -11.58 -20.84 6.15
C SER C 84 -11.69 -19.32 6.15
N MET C 85 -12.01 -18.75 5.01
CA MET C 85 -12.11 -17.29 4.89
C MET C 85 -13.23 -16.69 5.75
N LEU C 86 -14.30 -17.46 5.94
CA LEU C 86 -15.42 -17.00 6.76
C LEU C 86 -14.99 -16.94 8.23
N LEU C 87 -14.25 -17.95 8.65
CA LEU C 87 -13.76 -18.02 10.02
C LEU C 87 -12.72 -16.91 10.25
N LYS C 88 -11.90 -16.66 9.23
CA LYS C 88 -10.86 -15.64 9.31
C LYS C 88 -11.42 -14.23 9.28
N VAL C 89 -12.59 -14.07 8.69
CA VAL C 89 -13.23 -12.74 8.58
C VAL C 89 -14.26 -12.47 9.66
N GLU C 90 -14.89 -13.52 10.14
CA GLU C 90 -15.93 -13.43 11.16
C GLU C 90 -15.76 -12.28 12.15
N ARG C 91 -14.73 -12.41 12.99
CA ARG C 91 -14.44 -11.42 14.02
C ARG C 91 -14.35 -10.00 13.45
N THR C 92 -13.60 -9.85 12.38
CA THR C 92 -13.44 -8.54 11.77
C THR C 92 -14.75 -8.00 11.22
N LEU C 93 -15.60 -8.88 10.70
CA LEU C 93 -16.91 -8.47 10.17
C LEU C 93 -17.81 -7.94 11.29
N LEU C 94 -17.94 -8.74 12.34
CA LEU C 94 -18.79 -8.36 13.46
C LEU C 94 -18.34 -7.09 14.18
N ASN C 95 -17.04 -6.95 14.45
CA ASN C 95 -16.58 -5.76 15.13
C ASN C 95 -16.98 -4.50 14.38
N LEU C 96 -16.90 -4.52 13.05
CA LEU C 96 -17.29 -3.38 12.20
C LEU C 96 -18.78 -3.07 12.39
N LEU C 97 -19.60 -4.08 12.10
CA LEU C 97 -21.03 -3.97 12.19
C LEU C 97 -21.52 -3.61 13.61
N GLN C 98 -20.96 -4.27 14.63
CA GLN C 98 -21.37 -3.99 15.99
C GLN C 98 -20.96 -2.59 16.45
N HIS C 99 -19.71 -2.21 16.23
CA HIS C 99 -19.30 -0.90 16.65
C HIS C 99 -20.05 0.16 15.86
N SER C 100 -20.25 -0.08 14.56
CA SER C 100 -20.95 0.87 13.72
C SER C 100 -22.42 0.99 14.10
N SER C 101 -23.10 -0.15 14.23
CA SER C 101 -24.51 -0.14 14.60
C SER C 101 -24.68 0.45 15.98
N GLY C 102 -23.70 0.19 16.84
CA GLY C 102 -23.75 0.73 18.19
C GLY C 102 -23.86 2.24 18.18
N ILE C 103 -23.10 2.90 17.30
CA ILE C 103 -23.12 4.35 17.20
C ILE C 103 -24.40 4.84 16.49
N ALA C 104 -24.81 4.12 15.45
CA ALA C 104 -26.01 4.50 14.72
C ALA C 104 -27.18 4.51 15.69
N THR C 105 -27.37 3.38 16.38
CA THR C 105 -28.46 3.22 17.32
C THR C 105 -28.53 4.25 18.44
N LEU C 106 -27.40 4.54 19.07
CA LEU C 106 -27.39 5.52 20.14
C LEU C 106 -27.70 6.88 19.53
N THR C 107 -27.24 7.09 18.31
CA THR C 107 -27.49 8.36 17.63
C THR C 107 -28.97 8.50 17.33
N SER C 108 -29.61 7.39 16.99
CA SER C 108 -31.03 7.38 16.64
C SER C 108 -31.90 7.69 17.86
N ARG C 109 -31.38 7.44 19.05
CA ARG C 109 -32.14 7.71 20.27
C ARG C 109 -32.08 9.19 20.60
N PHE C 110 -31.01 9.86 20.17
CA PHE C 110 -30.92 11.30 20.41
C PHE C 110 -31.76 11.97 19.33
N VAL C 111 -31.72 11.40 18.13
CA VAL C 111 -32.51 11.91 17.02
C VAL C 111 -33.96 11.86 17.47
N GLU C 112 -34.36 10.71 17.99
CA GLU C 112 -35.72 10.48 18.46
C GLU C 112 -36.18 11.46 19.54
N ALA C 113 -35.38 11.64 20.58
CA ALA C 113 -35.73 12.54 21.66
C ALA C 113 -35.60 14.01 21.27
N LEU C 114 -34.93 14.28 20.15
CA LEU C 114 -34.78 15.66 19.68
C LEU C 114 -36.11 16.09 19.08
N ASN C 115 -36.76 15.15 18.37
CA ASN C 115 -38.05 15.38 17.73
C ASN C 115 -38.20 16.75 17.07
N SER C 116 -37.54 16.92 15.93
CA SER C 116 -37.59 18.18 15.20
C SER C 116 -37.04 17.97 13.80
N HIS C 117 -37.43 18.84 12.88
CA HIS C 117 -36.95 18.74 11.52
C HIS C 117 -36.37 20.07 11.09
N LYS C 118 -36.45 21.06 11.98
CA LYS C 118 -35.91 22.38 11.69
C LYS C 118 -34.59 22.51 12.43
N VAL C 119 -34.25 21.48 13.19
CA VAL C 119 -33.02 21.43 13.98
C VAL C 119 -32.33 20.11 13.72
N ARG C 120 -31.04 20.16 13.46
CA ARG C 120 -30.32 18.93 13.22
C ARG C 120 -29.29 18.59 14.29
N LEU C 121 -29.12 17.29 14.46
CA LEU C 121 -28.20 16.70 15.42
C LEU C 121 -26.82 16.58 14.78
N LEU C 122 -25.81 17.12 15.43
CA LEU C 122 -24.45 17.05 14.91
C LEU C 122 -23.59 16.19 15.81
N ASP C 123 -22.42 15.82 15.29
CA ASP C 123 -21.48 15.05 16.08
C ASP C 123 -20.29 15.98 16.33
N THR C 124 -19.17 15.41 16.76
CA THR C 124 -17.99 16.22 17.09
C THR C 124 -16.72 15.67 16.43
N ARG C 125 -15.59 16.25 16.81
CA ARG C 125 -14.29 15.83 16.32
C ARG C 125 -13.76 14.86 17.39
N LYS C 126 -14.62 14.48 18.33
CA LYS C 126 -14.28 13.53 19.39
C LYS C 126 -14.62 12.14 18.90
N THR C 127 -13.64 11.52 18.27
CA THR C 127 -13.77 10.19 17.72
C THR C 127 -12.57 9.37 18.12
N ARG C 128 -12.71 8.06 18.05
CA ARG C 128 -11.62 7.19 18.40
C ARG C 128 -10.52 7.34 17.33
N PRO C 129 -9.25 7.11 17.71
CA PRO C 129 -8.19 7.25 16.71
C PRO C 129 -8.34 6.29 15.54
N LEU C 130 -7.99 6.78 14.35
CA LEU C 130 -8.05 6.00 13.13
C LEU C 130 -9.47 5.63 12.71
N LEU C 131 -10.46 6.11 13.44
CA LEU C 131 -11.83 5.75 13.10
C LEU C 131 -12.77 6.90 12.74
N ARG C 132 -12.25 8.12 12.63
CA ARG C 132 -13.14 9.24 12.33
C ARG C 132 -14.08 9.03 11.15
N ILE C 133 -13.53 8.78 9.97
CA ILE C 133 -14.37 8.59 8.80
C ILE C 133 -15.39 7.49 9.06
N PHE C 134 -14.96 6.41 9.69
CA PHE C 134 -15.84 5.31 10.02
C PHE C 134 -16.99 5.76 10.96
N GLU C 135 -16.62 6.39 12.07
CA GLU C 135 -17.61 6.83 13.05
C GLU C 135 -18.49 7.99 12.57
N LYS C 136 -17.96 8.89 11.75
CA LYS C 136 -18.76 9.99 11.21
C LYS C 136 -19.82 9.38 10.29
N TYR C 137 -19.43 8.36 9.55
CA TYR C 137 -20.33 7.68 8.64
C TYR C 137 -21.39 6.95 9.45
N SER C 138 -21.01 6.48 10.64
CA SER C 138 -21.93 5.76 11.51
C SER C 138 -23.03 6.64 12.08
N VAL C 139 -22.70 7.90 12.37
CA VAL C 139 -23.68 8.86 12.90
C VAL C 139 -24.76 9.13 11.85
N LEU C 140 -24.36 9.38 10.61
CA LEU C 140 -25.33 9.63 9.54
C LEU C 140 -26.37 8.53 9.50
N ASN C 141 -25.90 7.29 9.64
CA ASN C 141 -26.78 6.12 9.62
C ASN C 141 -27.73 6.08 10.80
N GLY C 142 -27.47 6.92 11.79
CA GLY C 142 -28.35 6.98 12.95
C GLY C 142 -29.47 7.95 12.65
N GLY C 143 -29.28 8.72 11.59
CA GLY C 143 -30.27 9.69 11.17
C GLY C 143 -29.89 11.11 11.49
N ALA C 144 -28.70 11.32 12.05
CA ALA C 144 -28.26 12.68 12.39
C ALA C 144 -27.41 13.31 11.29
N SER C 145 -26.67 14.36 11.63
CA SER C 145 -25.81 15.04 10.68
C SER C 145 -24.38 15.16 11.19
N ASN C 146 -23.43 15.15 10.27
CA ASN C 146 -22.02 15.24 10.64
C ASN C 146 -21.58 16.70 10.73
N HIS C 147 -20.57 16.95 11.55
CA HIS C 147 -20.02 18.28 11.68
C HIS C 147 -18.82 18.24 10.72
N ARG C 148 -17.90 19.20 10.83
CA ARG C 148 -16.75 19.15 9.92
C ARG C 148 -16.06 17.81 10.16
N LEU C 149 -15.17 17.40 9.26
CA LEU C 149 -14.49 16.12 9.46
C LEU C 149 -13.03 16.28 9.92
N GLY C 150 -12.54 17.51 9.97
CA GLY C 150 -11.17 17.74 10.40
C GLY C 150 -10.83 19.21 10.43
N LEU C 151 -9.58 19.53 10.72
CA LEU C 151 -9.14 20.92 10.78
C LEU C 151 -8.97 21.56 9.41
N ASP C 152 -9.09 20.77 8.34
CA ASP C 152 -8.93 21.29 6.99
C ASP C 152 -10.29 21.66 6.40
N ASP C 153 -11.34 21.08 6.99
CA ASP C 153 -12.73 21.27 6.62
C ASP C 153 -13.28 22.68 6.88
N ALA C 154 -12.85 23.28 7.98
CA ALA C 154 -13.31 24.61 8.36
C ALA C 154 -12.44 25.14 9.48
N LEU C 155 -12.56 26.43 9.75
CA LEU C 155 -11.80 27.07 10.82
C LEU C 155 -12.71 27.26 12.01
N MET C 156 -12.41 26.61 13.14
CA MET C 156 -13.23 26.76 14.34
C MET C 156 -12.42 27.41 15.48
N LEU C 157 -12.68 28.70 15.72
CA LEU C 157 -12.00 29.50 16.74
C LEU C 157 -12.69 29.55 18.10
N LYS C 158 -11.90 29.47 19.17
CA LYS C 158 -12.41 29.55 20.53
C LYS C 158 -11.49 30.45 21.35
N ASP C 159 -11.66 30.48 22.66
CA ASP C 159 -10.83 31.34 23.51
C ASP C 159 -9.32 31.17 23.27
N THR C 160 -8.84 29.94 23.42
CA THR C 160 -7.42 29.64 23.25
C THR C 160 -6.86 30.23 21.96
N HIS C 161 -7.66 30.23 20.90
CA HIS C 161 -7.20 30.79 19.63
C HIS C 161 -7.22 32.31 19.70
N LEU C 162 -8.32 32.86 20.20
CA LEU C 162 -8.50 34.31 20.29
C LEU C 162 -7.97 34.98 21.55
N ARG C 163 -7.37 34.22 22.46
CA ARG C 163 -6.87 34.79 23.71
C ARG C 163 -6.19 36.14 23.51
N HIS C 164 -5.88 36.68 22.53
CA HIS C 164 -4.64 37.48 22.34
C HIS C 164 -4.84 38.63 21.37
N VAL C 165 -5.65 38.45 20.31
CA VAL C 165 -5.87 39.55 19.38
C VAL C 165 -6.78 40.61 20.02
N LYS C 166 -6.76 41.78 19.49
CA LYS C 166 -7.58 42.89 19.92
C LYS C 166 -8.87 42.97 19.11
N ASP C 167 -8.66 43.01 17.82
CA ASP C 167 -9.71 42.87 16.87
C ASP C 167 -10.22 41.45 16.81
N LEU C 168 -11.43 41.12 16.75
CA LEU C 168 -11.98 40.01 15.92
C LEU C 168 -12.29 40.45 14.49
N LYS C 169 -12.87 41.63 14.37
CA LYS C 169 -13.24 42.20 13.08
C LYS C 169 -12.15 42.02 12.03
N SER C 170 -11.06 42.76 12.19
CA SER C 170 -9.94 42.70 11.26
C SER C 170 -9.23 41.36 11.24
N PHE C 171 -9.17 40.69 12.38
CA PHE C 171 -8.52 39.39 12.42
C PHE C 171 -9.23 38.48 11.41
N LEU C 172 -10.54 38.34 11.59
CA LEU C 172 -11.35 37.52 10.70
C LEU C 172 -11.32 38.06 9.27
N THR C 173 -11.51 39.36 9.11
CA THR C 173 -11.51 39.98 7.78
C THR C 173 -10.23 39.66 7.02
N HIS C 174 -9.14 39.40 7.74
CA HIS C 174 -7.87 39.11 7.10
C HIS C 174 -7.52 37.63 7.09
N ALA C 175 -8.21 36.85 7.91
CA ALA C 175 -7.96 35.42 7.92
C ALA C 175 -8.58 34.84 6.63
N ARG C 176 -9.50 35.61 6.04
CA ARG C 176 -10.18 35.19 4.82
C ARG C 176 -9.27 35.00 3.61
N LYS C 177 -8.30 35.90 3.41
CA LYS C 177 -7.43 35.77 2.26
C LYS C 177 -6.40 34.67 2.47
N ASN C 178 -6.38 34.08 3.66
CA ASN C 178 -5.44 33.02 3.95
C ASN C 178 -6.12 31.67 4.07
N LEU C 179 -7.44 31.66 3.97
CA LEU C 179 -8.21 30.43 4.05
C LEU C 179 -8.74 30.11 2.66
N PRO C 180 -8.98 28.83 2.37
CA PRO C 180 -9.51 28.59 1.03
C PRO C 180 -10.84 29.34 0.90
N PHE C 181 -11.00 30.00 -0.24
CA PHE C 181 -12.17 30.79 -0.59
C PHE C 181 -13.53 30.27 -0.11
N THR C 182 -13.71 28.95 -0.11
CA THR C 182 -14.99 28.35 0.30
C THR C 182 -15.12 28.00 1.77
N ALA C 183 -14.09 28.26 2.56
CA ALA C 183 -14.12 27.90 3.99
C ALA C 183 -14.88 28.85 4.90
N LYS C 184 -15.59 28.26 5.85
CA LYS C 184 -16.37 29.00 6.85
C LYS C 184 -15.58 29.14 8.16
N ILE C 185 -15.92 30.18 8.93
CA ILE C 185 -15.29 30.43 10.22
C ILE C 185 -16.30 30.38 11.34
N GLU C 186 -16.22 29.36 12.19
CA GLU C 186 -17.14 29.26 13.32
C GLU C 186 -16.42 29.71 14.59
N ILE C 187 -17.15 30.35 15.48
CA ILE C 187 -16.57 30.83 16.72
C ILE C 187 -17.35 30.33 17.91
N GLU C 188 -16.65 29.68 18.84
CA GLU C 188 -17.28 29.16 20.05
C GLU C 188 -17.35 30.28 21.09
N CYS C 189 -18.55 30.48 21.64
CA CYS C 189 -18.79 31.52 22.63
C CYS C 189 -19.39 30.97 23.92
N GLU C 190 -19.19 31.70 25.02
CA GLU C 190 -19.70 31.29 26.32
C GLU C 190 -20.66 32.29 26.97
N SER C 191 -20.86 33.44 26.33
CA SER C 191 -21.76 34.46 26.86
C SER C 191 -22.33 35.32 25.74
N PHE C 192 -23.53 35.85 25.96
CA PHE C 192 -24.18 36.69 24.97
C PHE C 192 -23.16 37.72 24.47
N GLU C 193 -22.49 38.39 25.40
CA GLU C 193 -21.51 39.40 25.05
C GLU C 193 -20.45 38.88 24.07
N GLU C 194 -20.29 37.57 24.01
CA GLU C 194 -19.32 36.95 23.10
C GLU C 194 -19.92 36.70 21.71
N ALA C 195 -21.04 35.98 21.69
CA ALA C 195 -21.72 35.69 20.44
C ALA C 195 -22.01 37.00 19.71
N LYS C 196 -22.33 38.02 20.50
CA LYS C 196 -22.63 39.34 19.98
C LYS C 196 -21.42 39.87 19.20
N ASN C 197 -20.23 39.70 19.78
CA ASN C 197 -18.98 40.16 19.17
C ASN C 197 -18.63 39.38 17.89
N ALA C 198 -18.86 38.08 17.92
CA ALA C 198 -18.57 37.21 16.78
C ALA C 198 -19.34 37.64 15.54
N MET C 199 -20.64 37.86 15.70
CA MET C 199 -21.48 38.28 14.58
C MET C 199 -20.98 39.62 14.05
N ASN C 200 -20.60 40.52 14.94
CA ASN C 200 -20.10 41.81 14.51
C ASN C 200 -18.69 41.64 13.95
N ALA C 201 -18.07 40.50 14.26
CA ALA C 201 -16.72 40.22 13.77
C ALA C 201 -16.78 39.76 12.33
N GLY C 202 -17.83 39.02 11.99
CA GLY C 202 -17.99 38.51 10.64
C GLY C 202 -18.08 37.00 10.57
N ALA C 203 -18.33 36.35 11.71
CA ALA C 203 -18.43 34.90 11.77
C ALA C 203 -19.49 34.33 10.83
N ASP C 204 -19.32 33.05 10.46
CA ASP C 204 -20.26 32.36 9.58
C ASP C 204 -21.15 31.44 10.39
N ILE C 205 -20.71 31.14 11.61
CA ILE C 205 -21.41 30.26 12.53
C ILE C 205 -21.02 30.64 13.95
N VAL C 206 -21.88 30.36 14.90
CA VAL C 206 -21.58 30.65 16.30
C VAL C 206 -22.03 29.50 17.15
N MET C 207 -21.16 29.07 18.06
CA MET C 207 -21.49 27.99 18.94
C MET C 207 -21.77 28.52 20.33
N CYS C 208 -22.95 28.18 20.85
CA CYS C 208 -23.34 28.59 22.18
C CYS C 208 -22.88 27.45 23.06
N ASP C 209 -21.73 27.65 23.70
CA ASP C 209 -21.14 26.61 24.54
C ASP C 209 -21.78 26.47 25.92
N ASN C 210 -22.33 25.27 26.16
CA ASN C 210 -23.00 24.91 27.40
C ASN C 210 -23.73 26.04 28.12
N LEU C 211 -24.48 26.84 27.37
CA LEU C 211 -25.23 27.95 27.97
C LEU C 211 -26.66 27.52 28.32
N SER C 212 -27.40 28.44 28.94
CA SER C 212 -28.77 28.15 29.32
C SER C 212 -29.71 28.46 28.16
N VAL C 213 -30.89 27.83 28.16
CA VAL C 213 -31.86 28.06 27.11
C VAL C 213 -32.21 29.55 27.03
N LEU C 214 -32.31 30.20 28.19
CA LEU C 214 -32.61 31.64 28.23
C LEU C 214 -31.40 32.41 27.66
N GLU C 215 -30.21 31.86 27.88
CA GLU C 215 -28.96 32.46 27.40
C GLU C 215 -28.91 32.29 25.89
N THR C 216 -29.27 31.09 25.45
CA THR C 216 -29.28 30.76 24.03
C THR C 216 -30.26 31.66 23.27
N LYS C 217 -31.54 31.64 23.68
CA LYS C 217 -32.58 32.45 23.03
C LYS C 217 -32.18 33.91 22.84
N GLU C 218 -31.51 34.49 23.84
CA GLU C 218 -31.06 35.88 23.74
C GLU C 218 -30.24 36.00 22.47
N ILE C 219 -29.40 35.02 22.24
CA ILE C 219 -28.55 35.00 21.06
C ILE C 219 -29.36 34.62 19.82
N ALA C 220 -30.24 33.62 19.96
CA ALA C 220 -31.08 33.18 18.84
C ALA C 220 -31.88 34.34 18.29
N ALA C 221 -32.56 35.05 19.19
CA ALA C 221 -33.37 36.19 18.81
C ALA C 221 -32.45 37.26 18.22
N TYR C 222 -31.38 37.59 18.94
CA TYR C 222 -30.42 38.61 18.48
C TYR C 222 -29.92 38.27 17.08
N ARG C 223 -29.74 36.97 16.85
CA ARG C 223 -29.27 36.48 15.56
C ARG C 223 -30.29 36.88 14.50
N ASP C 224 -31.55 36.97 14.91
CA ASP C 224 -32.62 37.35 14.00
C ASP C 224 -32.74 38.85 13.80
N ALA C 225 -32.49 39.62 14.85
CA ALA C 225 -32.54 41.07 14.77
C ALA C 225 -31.70 41.51 13.56
N HIS C 226 -30.47 41.03 13.54
CA HIS C 226 -29.52 41.31 12.47
C HIS C 226 -28.74 40.01 12.34
N TYR C 227 -28.06 39.82 11.22
CA TYR C 227 -27.27 38.61 11.02
C TYR C 227 -28.20 37.40 10.91
N PRO C 228 -29.22 37.47 10.03
CA PRO C 228 -30.14 36.33 9.89
C PRO C 228 -29.49 35.10 9.29
N PHE C 229 -28.43 35.31 8.51
CA PHE C 229 -27.73 34.20 7.86
C PHE C 229 -26.77 33.41 8.72
N VAL C 230 -26.09 34.07 9.66
CA VAL C 230 -25.14 33.35 10.52
C VAL C 230 -25.83 32.23 11.30
N LEU C 231 -25.34 31.00 11.14
CA LEU C 231 -25.92 29.85 11.83
C LEU C 231 -25.57 29.81 13.31
N LEU C 232 -26.44 29.18 14.10
CA LEU C 232 -26.24 29.05 15.54
C LEU C 232 -26.22 27.59 15.95
N GLU C 233 -25.22 27.14 16.88
CA GLU C 233 -25.21 25.65 17.43
C GLU C 233 -24.91 25.63 18.95
N ALA C 234 -25.32 24.88 19.74
CA ALA C 234 -25.15 25.44 21.06
C ALA C 234 -24.96 24.36 22.12
N SER C 235 -24.92 23.11 21.78
CA SER C 235 -24.71 22.04 22.75
C SER C 235 -23.29 22.09 23.33
N GLY C 236 -23.19 21.93 24.61
CA GLY C 236 -21.87 21.90 25.26
C GLY C 236 -21.53 20.64 26.06
N ASN C 237 -22.45 19.95 26.44
CA ASN C 237 -22.87 18.85 27.31
C ASN C 237 -24.22 18.48 26.96
N ILE C 238 -24.88 18.36 26.44
CA ILE C 238 -26.25 18.23 26.36
C ILE C 238 -26.56 16.78 26.72
N SER C 239 -27.84 16.36 26.98
CA SER C 239 -28.25 14.98 27.19
C SER C 239 -29.63 14.67 26.60
N LEU C 240 -29.99 13.39 26.64
CA LEU C 240 -31.29 12.97 26.14
C LEU C 240 -32.40 13.75 26.82
N GLU C 241 -32.23 13.99 28.12
CA GLU C 241 -33.23 14.70 28.90
C GLU C 241 -33.21 16.22 28.68
N SER C 242 -32.27 16.72 27.88
CA SER C 242 -32.20 18.15 27.65
C SER C 242 -32.07 18.60 26.19
N ILE C 243 -32.04 17.66 25.25
CA ILE C 243 -31.90 18.02 23.84
C ILE C 243 -33.10 18.83 23.39
N ASN C 244 -34.28 18.21 23.50
CA ASN C 244 -35.51 18.85 23.10
C ASN C 244 -35.62 20.29 23.61
N ALA C 245 -35.28 20.48 24.87
CA ALA C 245 -35.32 21.81 25.47
C ALA C 245 -34.56 22.81 24.61
N TYR C 246 -33.41 22.40 24.08
CA TYR C 246 -32.59 23.27 23.26
C TYR C 246 -33.16 23.43 21.86
N ALA C 247 -33.71 22.36 21.32
CA ALA C 247 -34.29 22.38 19.99
C ALA C 247 -35.29 23.53 19.88
N LYS C 248 -35.91 23.87 21.01
CA LYS C 248 -36.89 24.94 21.03
C LYS C 248 -36.26 26.24 21.53
N SER C 249 -34.95 26.39 21.32
CA SER C 249 -34.26 27.59 21.78
C SER C 249 -33.94 28.59 20.66
N GLY C 250 -34.07 28.15 19.42
CA GLY C 250 -33.78 29.03 18.30
C GLY C 250 -32.49 28.77 17.54
N VAL C 251 -31.83 27.66 17.85
CA VAL C 251 -30.58 27.33 17.17
C VAL C 251 -30.84 26.40 15.99
N ASP C 252 -29.91 26.40 15.04
CA ASP C 252 -30.03 25.57 13.84
C ASP C 252 -29.54 24.14 14.05
N ALA C 253 -28.57 23.97 14.94
CA ALA C 253 -28.02 22.66 15.24
C ALA C 253 -27.64 22.46 16.70
N ILE C 254 -27.57 21.20 17.09
CA ILE C 254 -27.20 20.80 18.45
C ILE C 254 -26.16 19.69 18.31
N SER C 255 -24.93 19.97 18.71
CA SER C 255 -23.89 18.96 18.59
C SER C 255 -23.71 18.27 19.93
N VAL C 256 -23.48 16.96 19.88
CA VAL C 256 -23.28 16.18 21.08
C VAL C 256 -22.34 15.03 20.74
N GLY C 257 -21.09 15.18 21.17
CA GLY C 257 -20.07 14.18 20.89
C GLY C 257 -20.39 12.80 21.43
N ALA C 258 -21.21 12.76 22.49
CA ALA C 258 -21.59 11.51 23.12
C ALA C 258 -22.20 10.48 22.15
N LEU C 259 -22.68 10.95 21.00
CA LEU C 259 -23.29 10.05 20.02
C LEU C 259 -22.27 9.02 19.60
N ILE C 260 -21.00 9.42 19.67
CA ILE C 260 -19.88 8.58 19.28
C ILE C 260 -19.03 8.15 20.48
N HIS C 261 -18.58 9.12 21.27
CA HIS C 261 -17.74 8.81 22.41
C HIS C 261 -18.46 8.24 23.64
N GLN C 262 -19.64 7.69 23.42
CA GLN C 262 -20.40 7.10 24.50
C GLN C 262 -21.15 5.88 24.00
N ALA C 263 -20.98 5.59 22.71
CA ALA C 263 -21.63 4.45 22.11
C ALA C 263 -20.86 3.18 22.45
N THR C 264 -21.57 2.06 22.50
CA THR C 264 -20.95 0.78 22.81
C THR C 264 -21.52 -0.20 21.79
N PHE C 265 -20.89 -1.37 21.66
CA PHE C 265 -21.34 -2.38 20.70
C PHE C 265 -22.79 -2.82 20.84
N ILE C 266 -23.28 -3.47 19.80
CA ILE C 266 -24.63 -4.03 19.76
C ILE C 266 -24.37 -5.51 19.64
N ASP C 267 -25.13 -6.35 20.33
CA ASP C 267 -24.84 -7.78 20.23
C ASP C 267 -25.29 -8.38 18.92
N MET C 268 -24.33 -9.06 18.28
CA MET C 268 -24.53 -9.73 17.00
C MET C 268 -23.73 -11.02 17.07
N HIS C 269 -23.77 -11.83 16.01
CA HIS C 269 -23.00 -13.06 15.97
C HIS C 269 -23.15 -13.85 14.67
N MET C 270 -22.10 -14.57 14.28
CA MET C 270 -22.12 -15.33 13.06
C MET C 270 -22.31 -16.81 13.36
N LYS C 271 -23.26 -17.44 12.67
CA LYS C 271 -23.57 -18.87 12.83
C LYS C 271 -23.50 -19.53 11.47
N MET C 272 -22.79 -20.65 11.38
CA MET C 272 -22.68 -21.34 10.10
C MET C 272 -24.06 -21.81 9.63
N ALA C 273 -24.46 -22.99 10.08
CA ALA C 273 -25.74 -23.57 9.69
C ALA C 273 -25.76 -23.89 8.20
S SO4 D . 17.39 23.41 -20.55
O1 SO4 D . 16.28 23.09 -21.51
O2 SO4 D . 18.37 22.34 -20.86
O3 SO4 D . 17.11 23.15 -19.12
O4 SO4 D . 18.05 24.74 -20.71
O8 PHT E . 21.36 14.16 -14.89
O9 PHT E . 20.32 12.88 -16.32
C10 PHT E . 20.88 17.09 -15.71
O11 PHT E . 21.84 17.68 -15.14
O12 PHT E . 19.74 17.05 -15.14
C7 PHT E . 20.90 13.95 -16.07
C1 PHT E . 21.18 17.25 -18.14
C2 PHT E . 21.04 16.41 -17.00
C3 PHT E . 21.04 15.01 -17.18
C4 PHT E . 21.20 14.52 -18.54
C5 PHT E . 21.34 15.39 -19.62
C6 PHT E . 21.33 16.75 -19.40
S SO4 F . 21.39 -24.74 14.18
O1 SO4 F . 21.10 -25.46 12.91
O2 SO4 F . 21.16 -23.33 13.80
O3 SO4 F . 22.81 -24.72 14.57
O4 SO4 F . 20.55 -25.04 15.37
O8 PHT G . 13.73 -17.92 19.13
O9 PHT G . 12.25 -19.14 18.00
C10 PHT G . 16.57 -19.00 18.33
O11 PHT G . 17.15 -18.47 19.34
O12 PHT G . 16.67 -18.46 17.21
C7 PHT G . 13.38 -19.04 18.55
C1 PHT G . 16.44 -21.45 18.40
C2 PHT G . 15.74 -20.21 18.42
C3 PHT G . 14.32 -20.24 18.51
C4 PHT G . 13.70 -21.54 18.57
C5 PHT G . 14.43 -22.73 18.55
C6 PHT G . 15.81 -22.65 18.46
S SO4 H . -20.12 16.46 24.49
O1 SO4 H . -18.69 16.13 24.43
O2 SO4 H . -20.29 16.78 25.93
O3 SO4 H . -21.06 15.31 24.30
O4 SO4 H . -20.58 17.64 23.70
O8 PHT I . -13.60 20.80 16.42
O9 PHT I . -15.01 19.87 14.97
C10 PHT I . -14.39 19.97 19.28
O11 PHT I . -13.73 20.98 19.71
O12 PHT I . -13.91 18.81 19.40
C7 PHT I . -14.78 20.31 16.13
C1 PHT I . -16.87 20.10 19.41
C2 PHT I . -15.70 20.12 18.58
C3 PHT I . -15.87 20.27 17.18
C4 PHT I . -17.23 20.38 16.68
C5 PHT I . -18.33 20.37 17.53
C6 PHT I . -18.13 20.22 18.89
#